data_4EGC
#
_entry.id   4EGC
#
_cell.length_a   123.207
_cell.length_b   150.180
_cell.length_c   53.921
_cell.angle_alpha   90.000
_cell.angle_beta   90.000
_cell.angle_gamma   90.000
#
_symmetry.space_group_name_H-M   'P 21 21 2'
#
loop_
_entity.id
_entity.type
_entity.pdbx_description
1 polymer 'Maltose-binding periplasmic protein, Homeobox protein SIX1 chimera'
2 polymer 'Eyes absent homolog 2'
3 branched alpha-D-glucopyranose-(1-4)-alpha-D-glucopyranose
4 non-polymer 'MAGNESIUM ION'
5 water water
#
loop_
_entity_poly.entity_id
_entity_poly.type
_entity_poly.pdbx_seq_one_letter_code
_entity_poly.pdbx_strand_id
1 'polypeptide(L)'
;KIEEGKLVIWINGDKGYNGLAEVGKKFEKDTGIKVTVEHPDKLEEKFPQVAATGDGPDIIFWAHDRFGGYAQSGLLAEIT
PDKAFQDKLYPFTWDAVRYNGKLIAYPIAVEALSLIYNKDLLPNPPKTWEEIPALDKELKAKGKSALMFNLQEPYFTWPL
IAADGGYAFKYAAGKYDIKDVGVDNAGAKAGLTFLVDLIKNKHMNADTDYSIAEAAFNKGETAMTINGPWAWSNIDTSKV
NYGVTVLPTFKGQPSKPFVGVLSAGINAASPNKELAKEFLENYLLTDEGLEAVNKDKPLGAVALKSYEEELAKDPRIAAT
MENAQKGEIMPNIPQMSAFWYAVRTAVINAASGRQTVDAALAAAQTNAAAMSMLPSFGFTQEQVACVCEVLQQGGNLERL
GRFLWSLPACDHLHKNESVLKAKAVVAFHRGNFRELYKILESHQFSPHNHPKLQQLWLKAHYVEAEKLRGRPLGAVGKYR
VRRKFPLPRTIWDGEETSYCFKEKSRGVLREWYAHNPYPSPREKRELAEATGLTTTQVSNWFKNRRQRDRAAEAKEREN
;
A
2 'polypeptide(L)'
;GPLGSPEFSKRSSDPSPAGDNEIERVFVWDLDETIIIFHSLLTGTFASRYGKDTTTSVRIGLMMEEMIFNLADTHLFFND
LEDCDQIHVDDVSSDDNGQDLSTYNFSADGFHSSAPGANLCLGSGVHGGVDWMRKLAFRYRRVKEMYNTYKNNVGGLIGT
PKRETWLQLRAELEALTDLWLTHSLKALNLINSRPNCVNVLVTTTQLIPALAKVLLYGLGSVFPIENIYSATKTGKESCF
ERIMQRFGRKAVYVVIGDGVEEEQGAKKHNMPFWRISCHADLEALRHALELEYL
;
B
#
loop_
_chem_comp.id
_chem_comp.type
_chem_comp.name
_chem_comp.formula
GLC D-saccharide, alpha linking alpha-D-glucopyranose 'C6 H12 O6'
MG non-polymer 'MAGNESIUM ION' 'Mg 2'
#
# COMPACT_ATOMS: atom_id res chain seq x y z
N LYS A 1 -4.93 -9.54 24.28
CA LYS A 1 -4.43 -8.59 25.27
C LYS A 1 -3.12 -9.06 25.89
N ILE A 2 -2.26 -8.11 26.23
CA ILE A 2 -1.00 -8.41 26.90
C ILE A 2 -1.28 -8.88 28.32
N GLU A 3 -0.72 -10.01 28.70
CA GLU A 3 -0.97 -10.57 30.02
C GLU A 3 -0.37 -9.74 31.17
N GLU A 4 -1.19 -9.36 32.12
CA GLU A 4 -0.69 -8.69 33.32
C GLU A 4 0.07 -9.71 34.15
N GLY A 5 1.18 -9.30 34.76
CA GLY A 5 1.98 -10.20 35.58
C GLY A 5 3.00 -11.03 34.83
N LYS A 6 3.21 -10.70 33.55
CA LYS A 6 4.24 -11.32 32.72
C LYS A 6 4.93 -10.20 31.91
N LEU A 7 6.12 -10.46 31.38
CA LEU A 7 6.73 -9.56 30.40
C LEU A 7 7.00 -10.29 29.09
N VAL A 8 6.52 -9.74 28.00
CA VAL A 8 6.85 -10.23 26.67
C VAL A 8 7.77 -9.19 25.98
N ILE A 9 8.88 -9.66 25.44
CA ILE A 9 9.88 -8.76 24.87
C ILE A 9 10.21 -9.16 23.45
N TRP A 10 10.20 -8.20 22.53
CA TRP A 10 10.57 -8.46 21.17
C TRP A 10 11.90 -7.80 20.84
N ILE A 11 12.79 -8.55 20.19
CA ILE A 11 14.08 -8.01 19.75
C ILE A 11 14.43 -8.69 18.41
N ASN A 12 15.18 -8.02 17.54
CA ASN A 12 15.50 -8.61 16.23
C ASN A 12 16.30 -9.90 16.28
N GLY A 13 16.15 -10.73 15.27
CA GLY A 13 16.76 -12.05 15.25
C GLY A 13 18.27 -12.06 15.13
N ASP A 14 18.86 -10.93 14.75
CA ASP A 14 20.32 -10.84 14.67
C ASP A 14 20.95 -10.39 15.99
N LYS A 15 20.12 -10.06 16.99
CA LYS A 15 20.62 -9.62 18.30
C LYS A 15 20.72 -10.76 19.31
N GLY A 16 21.28 -10.47 20.49
CA GLY A 16 21.55 -11.49 21.49
C GLY A 16 20.34 -11.87 22.32
N TYR A 17 19.35 -12.47 21.67
CA TYR A 17 18.10 -12.75 22.36
C TYR A 17 18.22 -13.83 23.42
N ASN A 18 19.15 -14.76 23.23
CA ASN A 18 19.39 -15.76 24.27
C ASN A 18 20.00 -15.16 25.53
N GLY A 19 20.97 -14.26 25.35
CA GLY A 19 21.50 -13.52 26.49
C GLY A 19 20.46 -12.65 27.16
N LEU A 20 19.59 -12.04 26.37
CA LEU A 20 18.54 -11.19 26.95
C LEU A 20 17.62 -12.07 27.80
N ALA A 21 17.32 -13.27 27.30
CA ALA A 21 16.49 -14.21 28.06
C ALA A 21 17.15 -14.60 29.38
N GLU A 22 18.48 -14.59 29.43
CA GLU A 22 19.19 -14.84 30.67
C GLU A 22 18.93 -13.74 31.71
N VAL A 23 18.92 -12.49 31.26
CA VAL A 23 18.59 -11.40 32.16
C VAL A 23 17.15 -11.58 32.63
N GLY A 24 16.28 -12.00 31.72
CA GLY A 24 14.89 -12.28 32.06
C GLY A 24 14.75 -13.32 33.16
N LYS A 25 15.59 -14.36 33.12
CA LYS A 25 15.55 -15.42 34.13
C LYS A 25 15.91 -14.88 35.51
N LYS A 26 16.92 -14.02 35.57
CA LYS A 26 17.30 -13.43 36.84
C LYS A 26 16.18 -12.53 37.35
N PHE A 27 15.57 -11.81 36.43
CA PHE A 27 14.45 -10.94 36.77
C PHE A 27 13.30 -11.76 37.36
N GLU A 28 13.00 -12.88 36.72
CA GLU A 28 11.89 -13.72 37.16
C GLU A 28 12.16 -14.33 38.53
N LYS A 29 13.41 -14.74 38.77
CA LYS A 29 13.78 -15.27 40.08
C LYS A 29 13.53 -14.26 41.19
N ASP A 30 13.87 -13.00 40.93
CA ASP A 30 13.72 -11.97 41.94
C ASP A 30 12.27 -11.53 42.14
N THR A 31 11.49 -11.57 41.08
CA THR A 31 10.20 -10.87 41.09
C THR A 31 9.01 -11.78 40.96
N GLY A 32 9.24 -13.00 40.47
CA GLY A 32 8.17 -13.93 40.18
C GLY A 32 7.49 -13.63 38.85
N ILE A 33 8.10 -12.74 38.07
CA ILE A 33 7.51 -12.35 36.79
C ILE A 33 8.24 -13.03 35.63
N LYS A 34 7.59 -14.00 35.00
CA LYS A 34 8.21 -14.71 33.89
C LYS A 34 8.44 -13.76 32.73
N VAL A 35 9.60 -13.87 32.10
CA VAL A 35 9.94 -13.04 30.95
C VAL A 35 10.12 -13.93 29.73
N THR A 36 9.46 -13.57 28.64
CA THR A 36 9.58 -14.32 27.39
C THR A 36 10.11 -13.43 26.28
N VAL A 37 11.21 -13.85 25.66
CA VAL A 37 11.80 -13.09 24.57
C VAL A 37 11.44 -13.73 23.24
N GLU A 38 11.01 -12.91 22.29
CA GLU A 38 10.69 -13.41 20.97
C GLU A 38 11.43 -12.59 19.92
N HIS A 39 11.75 -13.21 18.79
CA HIS A 39 12.36 -12.48 17.67
C HIS A 39 11.60 -12.70 16.37
N PRO A 40 10.39 -12.13 16.27
CA PRO A 40 9.61 -12.36 15.05
C PRO A 40 10.19 -11.66 13.82
N ASP A 41 9.83 -12.15 12.63
CA ASP A 41 10.27 -11.55 11.38
C ASP A 41 9.62 -10.19 11.18
N LYS A 42 10.32 -9.31 10.47
CA LYS A 42 9.81 -7.99 10.12
C LYS A 42 9.28 -7.27 11.35
N LEU A 43 10.03 -7.42 12.44
CA LEU A 43 9.64 -6.91 13.74
C LEU A 43 9.27 -5.43 13.70
N GLU A 44 10.04 -4.65 12.95
CA GLU A 44 9.85 -3.20 12.94
C GLU A 44 8.49 -2.82 12.36
N GLU A 45 7.95 -3.70 11.52
CA GLU A 45 6.65 -3.47 10.91
C GLU A 45 5.55 -4.21 11.66
N LYS A 46 5.89 -5.32 12.30
CA LYS A 46 4.91 -6.10 13.04
C LYS A 46 4.47 -5.41 14.34
N PHE A 47 5.41 -4.77 15.04
CA PHE A 47 5.06 -4.06 16.27
C PHE A 47 3.93 -3.05 16.12
N PRO A 48 4.02 -2.13 15.14
CA PRO A 48 2.91 -1.17 15.04
C PRO A 48 1.60 -1.86 14.67
N GLN A 49 1.67 -2.90 13.84
CA GLN A 49 0.47 -3.64 13.46
C GLN A 49 -0.23 -4.30 14.65
N VAL A 50 0.53 -4.85 15.60
CA VAL A 50 -0.10 -5.54 16.73
C VAL A 50 -0.23 -4.71 18.00
N ALA A 51 0.65 -3.73 18.19
CA ALA A 51 0.55 -2.84 19.35
C ALA A 51 -0.69 -1.99 19.22
N ALA A 52 -0.97 -1.59 17.99
CA ALA A 52 -2.16 -0.79 17.67
C ALA A 52 -3.42 -1.36 18.32
N THR A 53 -3.60 -2.67 18.21
CA THR A 53 -4.78 -3.35 18.77
C THR A 53 -4.70 -3.54 20.28
N GLY A 54 -3.65 -3.01 20.90
CA GLY A 54 -3.45 -3.18 22.33
C GLY A 54 -2.73 -4.48 22.65
N ASP A 55 -2.34 -5.21 21.61
CA ASP A 55 -1.67 -6.49 21.75
C ASP A 55 -0.15 -6.31 21.66
N GLY A 56 0.57 -7.40 21.37
CA GLY A 56 2.01 -7.31 21.15
C GLY A 56 2.85 -7.40 22.41
N PRO A 57 4.14 -7.04 22.30
CA PRO A 57 5.04 -7.19 23.44
C PRO A 57 4.88 -6.06 24.44
N ASP A 58 5.31 -6.31 25.66
CA ASP A 58 5.42 -5.26 26.66
C ASP A 58 6.57 -4.32 26.30
N ILE A 59 7.64 -4.88 25.75
CA ILE A 59 8.86 -4.11 25.48
C ILE A 59 9.30 -4.38 24.05
N ILE A 60 9.61 -3.31 23.33
CA ILE A 60 10.02 -3.41 21.96
C ILE A 60 11.45 -2.88 21.78
N PHE A 61 12.31 -3.67 21.15
CA PHE A 61 13.69 -3.28 20.87
C PHE A 61 13.85 -3.06 19.36
N TRP A 62 14.36 -1.89 18.98
CA TRP A 62 14.84 -1.66 17.61
C TRP A 62 15.78 -0.48 17.63
N ALA A 63 16.53 -0.26 16.55
CA ALA A 63 17.21 1.03 16.39
C ALA A 63 16.23 2.21 16.57
N HIS A 64 16.75 3.31 17.08
CA HIS A 64 15.93 4.46 17.46
C HIS A 64 15.18 5.11 16.31
N ASP A 65 15.58 4.82 15.07
CA ASP A 65 15.01 5.55 13.93
C ASP A 65 13.54 5.23 13.72
N ARG A 66 13.11 4.05 14.15
CA ARG A 66 11.71 3.68 14.04
C ARG A 66 10.83 4.29 15.15
N PHE A 67 11.44 4.86 16.18
CA PHE A 67 10.67 5.19 17.39
C PHE A 67 9.80 6.44 17.33
N GLY A 68 10.18 7.42 16.51
CA GLY A 68 9.36 8.60 16.37
C GLY A 68 8.01 8.22 15.78
N GLY A 69 8.04 7.37 14.77
CA GLY A 69 6.83 6.87 14.15
C GLY A 69 5.95 6.17 15.18
N TYR A 70 6.56 5.31 15.99
CA TYR A 70 5.81 4.63 17.04
C TYR A 70 5.16 5.62 18.01
N ALA A 71 5.94 6.59 18.48
CA ALA A 71 5.42 7.58 19.43
C ALA A 71 4.27 8.38 18.82
N GLN A 72 4.47 8.84 17.58
CA GLN A 72 3.43 9.60 16.89
C GLN A 72 2.14 8.77 16.75
N SER A 73 2.29 7.47 16.51
CA SER A 73 1.15 6.57 16.49
C SER A 73 0.52 6.31 17.87
N GLY A 74 1.11 6.88 18.92
CA GLY A 74 0.62 6.66 20.28
C GLY A 74 0.89 5.25 20.81
N LEU A 75 1.95 4.63 20.32
CA LEU A 75 2.24 3.24 20.65
C LEU A 75 3.12 3.09 21.88
N LEU A 76 3.70 4.19 22.36
CA LEU A 76 4.75 4.10 23.37
C LEU A 76 4.40 4.83 24.63
N ALA A 77 4.71 4.22 25.77
CA ALA A 77 4.58 4.90 27.05
C ALA A 77 5.75 5.84 27.22
N GLU A 78 5.54 7.00 27.85
CA GLU A 78 6.67 7.88 28.10
C GLU A 78 7.46 7.18 29.19
N ILE A 79 8.76 7.38 29.21
CA ILE A 79 9.53 6.67 30.22
C ILE A 79 10.00 7.66 31.27
N THR A 80 10.03 7.23 32.51
CA THR A 80 10.29 8.15 33.61
C THR A 80 11.56 7.87 34.42
N PRO A 81 12.74 7.89 33.78
CA PRO A 81 13.94 7.65 34.56
C PRO A 81 14.33 8.89 35.36
N ASP A 82 14.79 8.72 36.59
CA ASP A 82 15.16 9.87 37.41
C ASP A 82 16.57 10.35 37.07
N LYS A 83 16.95 11.48 37.66
CA LYS A 83 18.23 12.11 37.34
C LYS A 83 19.38 11.15 37.57
N ALA A 84 19.33 10.45 38.70
CA ALA A 84 20.33 9.45 39.01
C ALA A 84 20.47 8.44 37.87
N PHE A 85 19.35 7.90 37.39
CA PHE A 85 19.46 6.93 36.30
C PHE A 85 19.98 7.53 34.98
N GLN A 86 19.39 8.66 34.58
CA GLN A 86 19.81 9.35 33.35
C GLN A 86 21.29 9.64 33.32
N ASP A 87 21.85 10.01 34.47
CA ASP A 87 23.29 10.27 34.57
C ASP A 87 24.17 9.07 34.23
N LYS A 88 23.61 7.85 34.29
CA LYS A 88 24.41 6.66 34.04
C LYS A 88 24.60 6.33 32.56
N LEU A 89 23.84 6.97 31.69
CA LEU A 89 23.97 6.75 30.23
C LEU A 89 24.48 8.01 29.52
N TYR A 90 25.21 7.84 28.42
CA TYR A 90 25.78 8.99 27.71
C TYR A 90 24.69 9.91 27.15
N PRO A 91 24.83 11.24 27.36
CA PRO A 91 23.89 12.22 26.84
C PRO A 91 23.56 12.03 25.35
N PHE A 92 24.51 11.66 24.51
CA PHE A 92 24.18 11.57 23.08
C PHE A 92 23.29 10.38 22.78
N THR A 93 23.31 9.37 23.64
CA THR A 93 22.39 8.24 23.46
C THR A 93 20.95 8.63 23.87
N TRP A 94 20.81 9.39 24.96
CA TRP A 94 19.47 9.94 25.31
C TRP A 94 18.92 10.81 24.17
N ASP A 95 19.79 11.60 23.54
CA ASP A 95 19.35 12.44 22.42
C ASP A 95 18.66 11.64 21.34
N ALA A 96 19.18 10.44 21.06
CA ALA A 96 18.66 9.63 19.99
C ALA A 96 17.23 9.17 20.27
N VAL A 97 16.85 9.12 21.54
CA VAL A 97 15.52 8.68 21.92
C VAL A 97 14.69 9.82 22.47
N ARG A 98 15.09 11.06 22.17
CA ARG A 98 14.29 12.21 22.56
C ARG A 98 13.41 12.66 21.40
N TYR A 99 12.14 12.91 21.66
CA TYR A 99 11.20 13.23 20.61
C TYR A 99 10.26 14.33 21.11
N ASN A 100 10.38 15.51 20.52
CA ASN A 100 9.63 16.68 20.99
C ASN A 100 9.82 16.93 22.48
N GLY A 101 11.06 16.81 22.93
CA GLY A 101 11.42 17.06 24.31
C GLY A 101 11.18 15.89 25.26
N LYS A 102 10.50 14.85 24.78
CA LYS A 102 10.16 13.70 25.62
C LYS A 102 11.07 12.50 25.35
N LEU A 103 11.51 11.83 26.40
CA LEU A 103 12.24 10.59 26.21
C LEU A 103 11.21 9.51 25.94
N ILE A 104 11.34 8.80 24.83
CA ILE A 104 10.34 7.81 24.40
C ILE A 104 10.84 6.35 24.40
N ALA A 105 12.06 6.14 24.90
CA ALA A 105 12.66 4.82 24.98
C ALA A 105 13.93 4.91 25.78
N TYR A 106 14.43 3.74 26.23
CA TYR A 106 15.73 3.66 26.88
C TYR A 106 16.77 3.34 25.83
N PRO A 107 17.85 4.15 25.75
CA PRO A 107 18.94 3.79 24.84
C PRO A 107 19.75 2.64 25.38
N ILE A 108 20.15 1.72 24.51
CA ILE A 108 20.93 0.56 24.93
C ILE A 108 22.38 0.57 24.41
N ALA A 109 22.55 0.75 23.10
CA ALA A 109 23.90 0.68 22.53
C ALA A 109 23.97 1.34 21.16
N VAL A 110 25.16 1.80 20.80
CA VAL A 110 25.40 2.47 19.53
C VAL A 110 25.92 1.47 18.50
N GLU A 111 25.18 1.38 17.40
CA GLU A 111 25.47 0.47 16.31
C GLU A 111 25.98 1.28 15.11
N ALA A 112 27.18 0.97 14.64
CA ALA A 112 27.65 1.53 13.37
C ALA A 112 28.27 0.42 12.58
N LEU A 113 28.05 0.43 11.27
CA LEU A 113 28.72 -0.51 10.37
C LEU A 113 30.21 -0.19 10.31
N SER A 114 31.02 -1.24 10.18
CA SER A 114 32.47 -1.11 9.95
C SER A 114 32.90 -2.03 8.81
N LEU A 115 34.12 -1.84 8.33
CA LEU A 115 34.72 -2.78 7.39
C LEU A 115 35.30 -3.93 8.20
N ILE A 116 34.85 -5.14 7.91
CA ILE A 116 35.39 -6.31 8.59
C ILE A 116 36.25 -7.06 7.56
N TYR A 117 37.49 -7.36 7.93
CA TYR A 117 38.42 -7.91 6.96
C TYR A 117 39.22 -9.10 7.47
N ASN A 118 39.58 -9.96 6.54
CA ASN A 118 40.39 -11.13 6.84
C ASN A 118 41.86 -10.74 6.83
N LYS A 119 42.51 -10.83 7.99
CA LYS A 119 43.87 -10.33 8.12
C LYS A 119 44.88 -11.29 7.50
N ASP A 120 44.49 -12.56 7.33
CA ASP A 120 45.34 -13.53 6.66
C ASP A 120 45.41 -13.24 5.16
N LEU A 121 44.27 -12.90 4.57
CA LEU A 121 44.20 -12.64 3.14
C LEU A 121 44.63 -11.21 2.81
N LEU A 122 44.50 -10.33 3.79
CA LEU A 122 44.54 -8.91 3.53
C LEU A 122 45.06 -8.16 4.77
N PRO A 123 46.37 -8.27 5.04
CA PRO A 123 46.89 -7.58 6.23
C PRO A 123 46.79 -6.06 6.15
N ASN A 124 46.79 -5.51 4.95
CA ASN A 124 46.59 -4.08 4.78
C ASN A 124 45.32 -3.80 3.98
N PRO A 125 44.19 -3.64 4.67
CA PRO A 125 42.91 -3.47 3.98
C PRO A 125 42.87 -2.16 3.21
N PRO A 126 42.08 -2.11 2.12
CA PRO A 126 42.02 -0.92 1.26
C PRO A 126 41.50 0.30 2.00
N LYS A 127 42.16 1.43 1.81
CA LYS A 127 41.70 2.68 2.40
C LYS A 127 40.57 3.30 1.57
N THR A 128 40.45 2.90 0.30
CA THR A 128 39.49 3.53 -0.60
C THR A 128 38.61 2.51 -1.31
N TRP A 129 37.39 2.92 -1.63
CA TRP A 129 36.49 2.08 -2.44
C TRP A 129 37.06 1.88 -3.84
N GLU A 130 37.70 2.93 -4.36
CA GLU A 130 38.19 2.93 -5.73
C GLU A 130 39.20 1.82 -5.99
N GLU A 131 39.95 1.44 -4.96
CA GLU A 131 40.99 0.44 -5.16
C GLU A 131 40.46 -0.99 -5.03
N ILE A 132 39.17 -1.13 -4.78
CA ILE A 132 38.55 -2.45 -4.60
C ILE A 132 38.37 -3.32 -5.87
N PRO A 133 38.02 -2.71 -7.03
CA PRO A 133 38.00 -3.54 -8.24
C PRO A 133 39.35 -4.19 -8.53
N ALA A 134 40.43 -3.42 -8.41
CA ALA A 134 41.77 -3.94 -8.69
C ALA A 134 42.12 -5.03 -7.70
N LEU A 135 41.76 -4.83 -6.44
CA LEU A 135 42.03 -5.81 -5.40
C LEU A 135 41.24 -7.08 -5.65
N ASP A 136 40.02 -6.95 -6.14
CA ASP A 136 39.21 -8.13 -6.40
C ASP A 136 39.83 -8.98 -7.51
N LYS A 137 40.37 -8.31 -8.53
CA LYS A 137 41.01 -9.02 -9.63
C LYS A 137 42.11 -9.90 -9.07
N GLU A 138 43.01 -9.27 -8.32
CA GLU A 138 44.13 -9.95 -7.67
C GLU A 138 43.69 -11.17 -6.86
N LEU A 139 42.58 -11.07 -6.14
CA LEU A 139 42.11 -12.17 -5.29
C LEU A 139 41.40 -13.27 -6.07
N LYS A 140 40.71 -12.88 -7.15
CA LYS A 140 40.03 -13.86 -7.99
C LYS A 140 41.04 -14.86 -8.56
N ALA A 141 42.28 -14.38 -8.72
CA ALA A 141 43.37 -15.24 -9.21
C ALA A 141 43.63 -16.37 -8.22
N LYS A 142 43.39 -16.11 -6.93
CA LYS A 142 43.65 -17.07 -5.86
C LYS A 142 42.41 -17.83 -5.40
N GLY A 143 41.32 -17.73 -6.16
CA GLY A 143 40.08 -18.40 -5.78
C GLY A 143 39.25 -17.63 -4.77
N LYS A 144 39.59 -16.36 -4.53
CA LYS A 144 38.87 -15.55 -3.55
C LYS A 144 38.16 -14.35 -4.17
N SER A 145 37.39 -13.63 -3.36
CA SER A 145 36.81 -12.36 -3.78
C SER A 145 37.12 -11.29 -2.73
N ALA A 146 37.11 -10.03 -3.15
CA ALA A 146 37.53 -8.95 -2.27
C ALA A 146 36.42 -8.60 -1.26
N LEU A 147 35.20 -8.42 -1.76
CA LEU A 147 34.14 -7.90 -0.89
C LEU A 147 32.78 -8.53 -1.11
N MET A 148 32.14 -8.97 -0.02
CA MET A 148 30.72 -9.34 -0.06
C MET A 148 29.98 -8.77 1.15
N PHE A 149 28.86 -8.09 0.90
CA PHE A 149 28.02 -7.62 1.98
C PHE A 149 26.55 -7.55 1.52
N ASN A 150 25.64 -7.49 2.49
CA ASN A 150 24.20 -7.52 2.23
C ASN A 150 23.79 -6.40 1.29
N LEU A 151 23.28 -6.75 0.11
CA LEU A 151 22.86 -5.74 -0.85
C LEU A 151 21.34 -5.60 -0.89
N GLN A 152 20.65 -6.30 0.00
CA GLN A 152 19.18 -6.28 0.01
C GLN A 152 18.63 -5.21 0.94
N GLU A 153 19.37 -4.85 1.99
CA GLU A 153 18.91 -3.82 2.92
C GLU A 153 19.68 -2.54 2.72
N PRO A 154 18.96 -1.43 2.46
CA PRO A 154 19.65 -0.18 2.12
C PRO A 154 20.52 0.35 3.27
N TYR A 155 20.32 -0.16 4.49
CA TYR A 155 21.19 0.16 5.63
C TYR A 155 22.66 -0.05 5.28
N PHE A 156 22.94 -1.13 4.56
CA PHE A 156 24.30 -1.53 4.22
C PHE A 156 24.90 -0.78 3.04
N THR A 157 24.07 -0.24 2.16
CA THR A 157 24.58 0.46 1.00
C THR A 157 24.61 1.98 1.18
N TRP A 158 23.80 2.47 2.11
CA TRP A 158 23.77 3.89 2.43
C TRP A 158 25.11 4.57 2.74
N PRO A 159 26.04 3.89 3.45
CA PRO A 159 27.31 4.58 3.71
C PRO A 159 28.01 5.07 2.44
N LEU A 160 27.90 4.30 1.37
CA LEU A 160 28.55 4.63 0.11
C LEU A 160 27.77 5.71 -0.64
N ILE A 161 26.45 5.59 -0.61
CA ILE A 161 25.58 6.59 -1.23
C ILE A 161 25.74 7.95 -0.55
N ALA A 162 25.91 7.93 0.78
CA ALA A 162 26.01 9.19 1.50
C ALA A 162 27.39 9.83 1.41
N ALA A 163 28.42 9.02 1.13
CA ALA A 163 29.81 9.50 1.17
C ALA A 163 30.06 10.82 0.41
N ASP A 164 29.57 10.92 -0.82
CA ASP A 164 29.88 12.08 -1.65
C ASP A 164 28.74 13.11 -1.69
N GLY A 165 27.74 12.92 -0.83
CA GLY A 165 26.74 13.97 -0.68
C GLY A 165 25.30 13.56 -0.53
N GLY A 166 24.99 12.27 -0.66
CA GLY A 166 23.63 11.81 -0.40
C GLY A 166 23.24 12.11 1.04
N TYR A 167 21.95 12.39 1.27
CA TYR A 167 21.42 12.54 2.62
C TYR A 167 19.94 12.19 2.63
N ALA A 168 19.40 11.90 3.81
CA ALA A 168 17.99 11.58 3.92
C ALA A 168 17.21 12.86 3.96
N PHE A 169 17.11 13.47 5.13
CA PHE A 169 16.45 14.75 5.27
C PHE A 169 17.45 15.82 5.70
N LYS A 170 17.41 16.97 5.06
CA LYS A 170 18.32 18.06 5.42
C LYS A 170 17.98 18.59 6.81
N TYR A 171 19.01 18.74 7.64
CA TYR A 171 18.83 19.35 8.95
C TYR A 171 19.15 20.85 8.88
N ALA A 172 18.20 21.67 9.34
CA ALA A 172 18.35 23.12 9.34
C ALA A 172 17.38 23.74 10.33
N ALA A 173 17.85 24.77 11.02
CA ALA A 173 17.03 25.50 11.97
C ALA A 173 16.49 24.55 13.04
N GLY A 174 17.39 23.74 13.59
CA GLY A 174 17.05 22.87 14.69
C GLY A 174 16.10 21.72 14.39
N LYS A 175 15.78 21.48 13.12
CA LYS A 175 14.89 20.38 12.78
C LYS A 175 15.20 19.78 11.41
N TYR A 176 14.78 18.53 11.21
CA TYR A 176 14.89 17.90 9.91
C TYR A 176 13.77 18.43 9.02
N ASP A 177 14.15 18.89 7.83
CA ASP A 177 13.22 19.44 6.85
C ASP A 177 12.71 18.30 5.97
N ILE A 178 11.46 17.92 6.13
CA ILE A 178 10.96 16.75 5.41
C ILE A 178 10.65 17.04 3.95
N LYS A 179 10.80 18.30 3.55
CA LYS A 179 10.65 18.70 2.14
C LYS A 179 11.98 18.72 1.38
N ASP A 180 13.09 18.56 2.11
CA ASP A 180 14.41 18.57 1.48
C ASP A 180 15.04 17.19 1.62
N VAL A 181 14.82 16.35 0.61
CA VAL A 181 15.32 14.99 0.58
C VAL A 181 16.56 14.93 -0.29
N GLY A 182 17.57 14.17 0.11
CA GLY A 182 18.84 14.19 -0.60
C GLY A 182 19.25 12.89 -1.25
N VAL A 183 18.29 12.17 -1.83
CA VAL A 183 18.62 10.85 -2.36
C VAL A 183 18.92 10.88 -3.85
N ASP A 184 18.73 12.06 -4.43
CA ASP A 184 18.75 12.25 -5.87
C ASP A 184 19.87 13.16 -6.37
N ASN A 185 20.74 13.65 -5.48
CA ASN A 185 21.77 14.60 -5.87
C ASN A 185 22.99 13.95 -6.54
N ALA A 186 23.93 14.77 -6.97
CA ALA A 186 25.12 14.27 -7.68
C ALA A 186 25.86 13.26 -6.82
N GLY A 187 26.04 13.58 -5.53
CA GLY A 187 26.77 12.71 -4.63
C GLY A 187 26.14 11.34 -4.48
N ALA A 188 24.82 11.31 -4.29
CA ALA A 188 24.10 10.04 -4.17
C ALA A 188 24.23 9.20 -5.45
N LYS A 189 24.08 9.84 -6.61
CA LYS A 189 24.22 9.14 -7.88
C LYS A 189 25.63 8.53 -8.02
N ALA A 190 26.64 9.31 -7.68
CA ALA A 190 28.03 8.84 -7.82
C ALA A 190 28.24 7.60 -6.99
N GLY A 191 27.73 7.62 -5.76
CA GLY A 191 27.89 6.52 -4.85
C GLY A 191 27.18 5.27 -5.35
N LEU A 192 25.92 5.41 -5.76
CA LEU A 192 25.17 4.24 -6.20
C LEU A 192 25.72 3.73 -7.54
N THR A 193 26.17 4.65 -8.38
CA THR A 193 26.79 4.26 -9.64
C THR A 193 28.01 3.39 -9.38
N PHE A 194 28.89 3.82 -8.46
CA PHE A 194 30.06 3.02 -8.12
C PHE A 194 29.68 1.62 -7.67
N LEU A 195 28.63 1.54 -6.87
CA LEU A 195 28.12 0.25 -6.42
C LEU A 195 27.65 -0.61 -7.58
N VAL A 196 26.86 -0.02 -8.47
CA VAL A 196 26.29 -0.76 -9.60
C VAL A 196 27.41 -1.25 -10.54
N ASP A 197 28.43 -0.42 -10.73
CA ASP A 197 29.59 -0.79 -11.54
C ASP A 197 30.38 -1.96 -10.95
N LEU A 198 30.52 -1.97 -9.63
CA LEU A 198 31.06 -3.14 -8.93
C LEU A 198 30.31 -4.40 -9.35
N ILE A 199 28.99 -4.29 -9.45
CA ILE A 199 28.17 -5.43 -9.83
C ILE A 199 28.30 -5.73 -11.33
N LYS A 200 28.30 -4.69 -12.16
CA LYS A 200 28.43 -4.85 -13.60
C LYS A 200 29.76 -5.50 -13.95
N ASN A 201 30.81 -5.03 -13.30
CA ASN A 201 32.16 -5.56 -13.53
C ASN A 201 32.46 -6.84 -12.76
N LYS A 202 31.41 -7.50 -12.26
CA LYS A 202 31.53 -8.82 -11.65
C LYS A 202 32.33 -8.89 -10.35
N HIS A 203 32.43 -7.77 -9.64
CA HIS A 203 33.10 -7.73 -8.35
C HIS A 203 32.14 -8.05 -7.19
N MET A 204 30.84 -7.85 -7.41
CA MET A 204 29.81 -8.30 -6.48
C MET A 204 28.59 -8.79 -7.25
N ASN A 205 27.72 -9.53 -6.57
CA ASN A 205 26.46 -10.00 -7.16
C ASN A 205 25.28 -9.29 -6.53
N ALA A 206 24.32 -8.87 -7.36
CA ALA A 206 23.17 -8.11 -6.89
C ALA A 206 22.27 -8.92 -5.95
N ASP A 207 22.40 -10.23 -5.94
CA ASP A 207 21.54 -11.07 -5.11
C ASP A 207 22.11 -11.38 -3.73
N THR A 208 23.34 -10.93 -3.47
CA THR A 208 23.97 -11.20 -2.18
C THR A 208 23.14 -10.59 -1.03
N ASP A 209 22.80 -11.41 -0.05
CA ASP A 209 22.08 -10.92 1.11
C ASP A 209 22.91 -11.11 2.38
N TYR A 210 22.27 -10.97 3.53
CA TYR A 210 22.98 -11.05 4.79
C TYR A 210 23.61 -12.44 4.98
N SER A 211 22.81 -13.48 4.80
CA SER A 211 23.27 -14.85 5.03
C SER A 211 24.38 -15.26 4.08
N ILE A 212 24.26 -14.88 2.81
CA ILE A 212 25.24 -15.27 1.83
C ILE A 212 26.57 -14.58 2.13
N ALA A 213 26.50 -13.29 2.48
CA ALA A 213 27.70 -12.53 2.81
C ALA A 213 28.37 -13.10 4.05
N GLU A 214 27.57 -13.38 5.08
CA GLU A 214 28.11 -13.88 6.34
C GLU A 214 28.80 -15.21 6.13
N ALA A 215 28.12 -16.12 5.45
CA ALA A 215 28.67 -17.45 5.16
C ALA A 215 30.02 -17.39 4.43
N ALA A 216 30.11 -16.55 3.40
CA ALA A 216 31.34 -16.40 2.63
C ALA A 216 32.51 -15.83 3.44
N PHE A 217 32.26 -14.78 4.23
CA PHE A 217 33.34 -14.22 5.02
C PHE A 217 33.77 -15.22 6.09
N ASN A 218 32.80 -15.81 6.77
CA ASN A 218 33.13 -16.71 7.86
C ASN A 218 33.75 -18.02 7.38
N LYS A 219 33.65 -18.30 6.09
CA LYS A 219 34.32 -19.46 5.51
C LYS A 219 35.63 -19.10 4.81
N GLY A 220 36.03 -17.83 4.88
CA GLY A 220 37.27 -17.37 4.27
C GLY A 220 37.27 -17.33 2.76
N GLU A 221 36.09 -17.17 2.16
CA GLU A 221 35.94 -17.12 0.71
C GLU A 221 36.09 -15.71 0.19
N THR A 222 35.78 -14.74 1.06
CA THR A 222 35.87 -13.34 0.68
C THR A 222 36.75 -12.61 1.72
N ALA A 223 37.54 -11.64 1.27
CA ALA A 223 38.49 -10.96 2.16
C ALA A 223 37.86 -9.90 3.06
N MET A 224 36.66 -9.43 2.70
CA MET A 224 36.05 -8.30 3.41
C MET A 224 34.53 -8.39 3.46
N THR A 225 33.95 -7.80 4.50
CA THR A 225 32.51 -7.69 4.54
C THR A 225 32.17 -6.41 5.29
N ILE A 226 30.90 -6.02 5.26
CA ILE A 226 30.44 -4.83 5.94
C ILE A 226 29.31 -5.27 6.87
N ASN A 227 29.47 -5.03 8.16
CA ASN A 227 28.49 -5.47 9.13
C ASN A 227 28.64 -4.74 10.47
N GLY A 228 27.67 -4.96 11.35
CA GLY A 228 27.67 -4.31 12.66
C GLY A 228 28.23 -5.25 13.72
N PRO A 229 28.32 -4.76 14.96
CA PRO A 229 28.93 -5.51 16.06
C PRO A 229 28.24 -6.84 16.33
N TRP A 230 26.93 -6.92 16.08
CA TRP A 230 26.20 -8.15 16.33
C TRP A 230 26.80 -9.33 15.57
N ALA A 231 27.46 -9.04 14.45
CA ALA A 231 28.01 -10.08 13.60
C ALA A 231 29.28 -10.72 14.15
N TRP A 232 29.93 -10.07 15.11
CA TRP A 232 31.28 -10.48 15.50
C TRP A 232 31.34 -11.87 16.14
N SER A 233 30.31 -12.25 16.88
CA SER A 233 30.42 -13.51 17.61
C SER A 233 30.37 -14.74 16.69
N ASN A 234 29.62 -14.67 15.59
CA ASN A 234 29.69 -15.75 14.60
C ASN A 234 31.08 -15.83 13.98
N ILE A 235 31.72 -14.66 13.76
CA ILE A 235 33.08 -14.68 13.23
C ILE A 235 34.06 -15.29 14.23
N ASP A 236 33.89 -14.99 15.52
CA ASP A 236 34.70 -15.64 16.57
C ASP A 236 34.62 -17.16 16.42
N THR A 237 33.41 -17.66 16.27
CA THR A 237 33.17 -19.09 16.16
C THR A 237 33.85 -19.67 14.93
N SER A 238 33.88 -18.89 13.86
CA SER A 238 34.49 -19.35 12.61
C SER A 238 36.01 -19.39 12.68
N LYS A 239 36.58 -18.80 13.73
CA LYS A 239 38.04 -18.70 13.89
C LYS A 239 38.79 -17.94 12.79
N VAL A 240 38.06 -17.26 11.92
CA VAL A 240 38.72 -16.39 10.95
C VAL A 240 39.53 -15.30 11.66
N ASN A 241 40.75 -15.06 11.19
CA ASN A 241 41.60 -14.00 11.75
C ASN A 241 41.11 -12.63 11.26
N TYR A 242 40.11 -12.07 11.93
CA TYR A 242 39.45 -10.87 11.42
C TYR A 242 39.85 -9.58 12.14
N GLY A 243 39.78 -8.49 11.39
CA GLY A 243 39.93 -7.17 11.97
C GLY A 243 38.68 -6.33 11.68
N VAL A 244 38.47 -5.31 12.50
CA VAL A 244 37.35 -4.39 12.33
C VAL A 244 37.96 -3.00 12.14
N THR A 245 37.61 -2.32 11.05
CA THR A 245 38.27 -1.07 10.74
C THR A 245 37.40 -0.03 10.03
N VAL A 246 37.97 1.15 9.82
CA VAL A 246 37.27 2.25 9.19
C VAL A 246 36.82 1.84 7.79
N LEU A 247 35.62 2.29 7.41
CA LEU A 247 35.08 1.99 6.10
C LEU A 247 35.94 2.69 5.04
N PRO A 248 35.94 2.18 3.80
CA PRO A 248 36.74 2.81 2.75
C PRO A 248 36.21 4.18 2.41
N THR A 249 37.08 5.06 1.93
CA THR A 249 36.63 6.37 1.51
C THR A 249 36.13 6.30 0.07
N PHE A 250 35.31 7.28 -0.30
CA PHE A 250 34.85 7.38 -1.68
C PHE A 250 35.05 8.80 -2.16
N LYS A 251 35.76 8.95 -3.27
CA LYS A 251 36.14 10.28 -3.76
C LYS A 251 36.80 11.09 -2.67
N GLY A 252 37.62 10.42 -1.87
CA GLY A 252 38.39 11.06 -0.84
C GLY A 252 37.59 11.43 0.40
N GLN A 253 36.36 10.95 0.48
CA GLN A 253 35.49 11.30 1.59
C GLN A 253 35.07 10.04 2.35
N PRO A 254 34.90 10.15 3.66
CA PRO A 254 34.58 8.95 4.45
C PRO A 254 33.24 8.33 4.04
N SER A 255 33.13 7.00 4.08
CA SER A 255 31.82 6.40 4.04
C SER A 255 31.07 6.89 5.28
N LYS A 256 29.78 7.16 5.12
CA LYS A 256 28.98 7.78 6.18
C LYS A 256 27.81 6.89 6.60
N PRO A 257 28.07 5.90 7.46
CA PRO A 257 26.95 5.02 7.80
C PRO A 257 25.89 5.78 8.58
N PHE A 258 24.63 5.38 8.43
CA PHE A 258 23.56 5.92 9.26
C PHE A 258 23.67 5.14 10.57
N VAL A 259 23.90 5.85 11.66
CA VAL A 259 24.19 5.21 12.93
C VAL A 259 22.92 4.97 13.74
N GLY A 260 22.76 3.76 14.25
CA GLY A 260 21.58 3.41 15.02
C GLY A 260 21.91 3.32 16.50
N VAL A 261 20.93 3.66 17.33
CA VAL A 261 21.03 3.40 18.76
C VAL A 261 19.96 2.36 19.08
N LEU A 262 20.38 1.14 19.38
CA LEU A 262 19.42 0.11 19.82
C LEU A 262 18.68 0.64 21.03
N SER A 263 17.36 0.64 20.95
CA SER A 263 16.53 1.24 22.00
C SER A 263 15.41 0.30 22.43
N ALA A 264 14.94 0.48 23.66
CA ALA A 264 13.88 -0.37 24.20
C ALA A 264 12.73 0.51 24.61
N GLY A 265 11.59 0.33 23.96
CA GLY A 265 10.41 1.11 24.27
C GLY A 265 9.40 0.27 25.03
N ILE A 266 8.56 0.94 25.83
CA ILE A 266 7.47 0.28 26.54
C ILE A 266 6.14 0.50 25.80
N ASN A 267 5.41 -0.59 25.57
CA ASN A 267 4.16 -0.54 24.85
C ASN A 267 3.15 0.24 25.68
N ALA A 268 2.56 1.28 25.09
CA ALA A 268 1.56 2.08 25.81
C ALA A 268 0.36 1.24 26.28
N ALA A 269 0.14 0.12 25.61
CA ALA A 269 -0.98 -0.75 25.95
C ALA A 269 -0.63 -1.78 27.02
N SER A 270 0.62 -1.74 27.49
CA SER A 270 1.05 -2.74 28.46
C SER A 270 0.49 -2.47 29.85
N PRO A 271 -0.03 -3.52 30.50
CA PRO A 271 -0.50 -3.45 31.89
C PRO A 271 0.66 -3.57 32.86
N ASN A 272 1.86 -3.78 32.33
CA ASN A 272 3.02 -4.03 33.16
C ASN A 272 4.07 -2.93 33.08
N LYS A 273 3.64 -1.69 32.91
CA LYS A 273 4.59 -0.59 32.66
C LYS A 273 5.63 -0.39 33.76
N GLU A 274 5.23 -0.60 35.01
CA GLU A 274 6.20 -0.48 36.10
C GLU A 274 7.19 -1.65 36.15
N LEU A 275 6.74 -2.85 35.79
CA LEU A 275 7.63 -4.00 35.75
C LEU A 275 8.64 -3.84 34.61
N ALA A 276 8.17 -3.32 33.48
CA ALA A 276 9.04 -3.07 32.33
C ALA A 276 10.14 -2.10 32.70
N LYS A 277 9.78 -1.03 33.39
CA LYS A 277 10.76 -0.06 33.87
C LYS A 277 11.79 -0.67 34.81
N GLU A 278 11.31 -1.50 35.74
CA GLU A 278 12.21 -2.16 36.67
C GLU A 278 13.17 -3.07 35.92
N PHE A 279 12.64 -3.81 34.95
CA PHE A 279 13.48 -4.71 34.16
C PHE A 279 14.57 -3.93 33.43
N LEU A 280 14.15 -2.92 32.68
CA LEU A 280 15.09 -2.16 31.87
C LEU A 280 16.13 -1.41 32.69
N GLU A 281 15.70 -0.70 33.73
CA GLU A 281 16.61 0.12 34.50
C GLU A 281 17.46 -0.66 35.49
N ASN A 282 16.89 -1.67 36.11
CA ASN A 282 17.58 -2.33 37.21
C ASN A 282 18.18 -3.70 36.89
N TYR A 283 17.79 -4.29 35.77
CA TYR A 283 18.36 -5.57 35.35
C TYR A 283 19.17 -5.47 34.07
N LEU A 284 18.55 -4.98 33.00
CA LEU A 284 19.24 -4.90 31.72
C LEU A 284 20.36 -3.85 31.71
N LEU A 285 20.03 -2.60 32.04
CA LEU A 285 21.00 -1.52 31.96
C LEU A 285 21.93 -1.49 33.18
N THR A 286 22.64 -2.59 33.37
CA THR A 286 23.65 -2.71 34.41
C THR A 286 24.83 -3.43 33.78
N ASP A 287 25.99 -3.34 34.41
CA ASP A 287 27.16 -4.05 33.89
C ASP A 287 26.85 -5.52 33.63
N GLU A 288 26.17 -6.18 34.58
CA GLU A 288 25.93 -7.62 34.44
C GLU A 288 24.86 -7.94 33.38
N GLY A 289 23.82 -7.12 33.31
CA GLY A 289 22.79 -7.27 32.31
C GLY A 289 23.33 -7.14 30.90
N LEU A 290 24.01 -6.02 30.62
CA LEU A 290 24.55 -5.83 29.27
C LEU A 290 25.61 -6.86 28.90
N GLU A 291 26.44 -7.25 29.86
CA GLU A 291 27.48 -8.24 29.55
C GLU A 291 26.88 -9.57 29.06
N ALA A 292 25.75 -9.96 29.66
CA ALA A 292 25.09 -11.20 29.30
C ALA A 292 24.56 -11.15 27.86
N VAL A 293 24.01 -10.02 27.47
CA VAL A 293 23.51 -9.85 26.12
C VAL A 293 24.70 -9.77 25.17
N ASN A 294 25.69 -8.97 25.57
CA ASN A 294 26.86 -8.68 24.74
C ASN A 294 27.63 -9.96 24.39
N LYS A 295 27.72 -10.86 25.37
CA LYS A 295 28.40 -12.14 25.24
C LYS A 295 27.73 -13.01 24.18
N ASP A 296 26.40 -12.91 24.10
CA ASP A 296 25.62 -13.60 23.09
C ASP A 296 25.93 -13.03 21.68
N LYS A 297 25.51 -11.78 21.47
CA LYS A 297 25.83 -11.02 20.25
C LYS A 297 26.26 -9.62 20.68
N PRO A 298 27.45 -9.16 20.27
CA PRO A 298 27.90 -7.85 20.76
C PRO A 298 26.92 -6.72 20.44
N LEU A 299 26.73 -5.85 21.42
CA LEU A 299 25.78 -4.76 21.32
C LEU A 299 26.37 -3.56 20.56
N GLY A 300 27.69 -3.47 20.54
CA GLY A 300 28.37 -2.24 20.09
C GLY A 300 28.81 -1.39 21.27
N ALA A 301 28.86 -0.07 21.08
CA ALA A 301 29.31 0.83 22.13
C ALA A 301 28.11 1.14 23.02
N VAL A 302 28.06 0.51 24.19
CA VAL A 302 26.86 0.55 25.02
C VAL A 302 26.63 1.93 25.62
N ALA A 303 25.36 2.23 25.93
CA ALA A 303 24.98 3.54 26.42
C ALA A 303 25.39 3.73 27.88
N LEU A 304 25.57 2.62 28.58
CA LEU A 304 25.85 2.63 30.01
C LEU A 304 27.33 2.95 30.21
N LYS A 305 27.62 4.08 30.85
CA LYS A 305 29.00 4.57 30.97
C LYS A 305 29.92 3.56 31.66
N SER A 306 29.46 3.00 32.77
CA SER A 306 30.32 2.12 33.56
C SER A 306 30.81 0.93 32.75
N TYR A 307 29.94 0.35 31.94
CA TYR A 307 30.32 -0.83 31.17
C TYR A 307 31.08 -0.45 29.88
N GLU A 308 30.69 0.67 29.27
CA GLU A 308 31.38 1.12 28.07
C GLU A 308 32.85 1.47 28.35
N GLU A 309 33.16 1.94 29.56
CA GLU A 309 34.57 2.17 29.91
C GLU A 309 35.43 0.94 29.68
N GLU A 310 34.85 -0.24 29.89
CA GLU A 310 35.58 -1.48 29.66
C GLU A 310 35.58 -1.91 28.18
N LEU A 311 34.44 -1.78 27.51
CA LEU A 311 34.34 -2.22 26.12
C LEU A 311 35.17 -1.31 25.18
N ALA A 312 35.32 -0.06 25.56
CA ALA A 312 36.00 0.93 24.70
C ALA A 312 37.48 0.61 24.47
N LYS A 313 38.03 -0.25 25.31
CA LYS A 313 39.41 -0.67 25.20
C LYS A 313 39.58 -1.67 24.05
N ASP A 314 38.48 -2.17 23.51
CA ASP A 314 38.50 -3.16 22.44
C ASP A 314 38.69 -2.42 21.12
N PRO A 315 39.71 -2.81 20.31
CA PRO A 315 39.91 -2.18 19.00
C PRO A 315 38.68 -2.29 18.09
N ARG A 316 37.89 -3.35 18.23
CA ARG A 316 36.68 -3.48 17.46
C ARG A 316 35.67 -2.38 17.81
N ILE A 317 35.61 -2.02 19.09
CA ILE A 317 34.73 -0.93 19.56
C ILE A 317 35.30 0.43 19.14
N ALA A 318 36.62 0.57 19.23
CA ALA A 318 37.27 1.78 18.74
C ALA A 318 36.90 2.07 17.29
N ALA A 319 36.99 1.04 16.45
CA ALA A 319 36.66 1.16 15.04
C ALA A 319 35.18 1.45 14.86
N THR A 320 34.34 0.84 15.69
CA THR A 320 32.92 1.12 15.66
C THR A 320 32.65 2.61 15.87
N MET A 321 33.26 3.20 16.89
CA MET A 321 33.00 4.61 17.20
C MET A 321 33.61 5.53 16.14
N GLU A 322 34.75 5.13 15.57
CA GLU A 322 35.34 5.91 14.48
C GLU A 322 34.38 5.97 13.29
N ASN A 323 33.84 4.83 12.90
CA ASN A 323 32.85 4.84 11.82
C ASN A 323 31.59 5.63 12.18
N ALA A 324 31.15 5.53 13.43
CA ALA A 324 29.97 6.25 13.89
C ALA A 324 30.22 7.75 13.79
N GLN A 325 31.40 8.18 14.24
CA GLN A 325 31.74 9.59 14.25
C GLN A 325 31.84 10.16 12.82
N LYS A 326 32.17 9.31 11.84
CA LYS A 326 32.29 9.79 10.47
C LYS A 326 30.95 9.70 9.77
N GLY A 327 30.04 8.92 10.34
CA GLY A 327 28.71 8.82 9.79
C GLY A 327 27.79 9.82 10.46
N GLU A 328 26.50 9.49 10.53
CA GLU A 328 25.51 10.42 11.03
C GLU A 328 24.48 9.63 11.83
N ILE A 329 24.12 10.13 13.01
CA ILE A 329 23.10 9.53 13.84
C ILE A 329 21.77 9.61 13.08
N MET A 330 21.05 8.50 12.96
CA MET A 330 19.80 8.57 12.21
C MET A 330 18.83 9.54 12.88
N PRO A 331 18.00 10.23 12.08
CA PRO A 331 16.89 10.97 12.66
C PRO A 331 15.92 9.95 13.24
N ASN A 332 15.12 10.34 14.23
CA ASN A 332 14.06 9.44 14.70
C ASN A 332 12.68 9.83 14.22
N ILE A 333 12.60 10.78 13.28
CA ILE A 333 11.30 11.33 12.89
C ILE A 333 10.42 10.27 12.20
N PRO A 334 9.08 10.46 12.21
CA PRO A 334 8.18 9.45 11.63
C PRO A 334 8.46 9.18 10.17
N GLN A 335 8.96 10.19 9.46
CA GLN A 335 9.19 10.08 8.03
C GLN A 335 10.36 9.18 7.64
N MET A 336 11.16 8.75 8.60
CA MET A 336 12.23 7.82 8.30
C MET A 336 11.72 6.54 7.63
N SER A 337 10.49 6.14 7.93
CA SER A 337 9.93 4.95 7.30
C SER A 337 9.78 5.12 5.78
N ALA A 338 9.30 6.30 5.37
CA ALA A 338 9.17 6.65 3.96
C ALA A 338 10.53 6.69 3.28
N PHE A 339 11.49 7.32 3.94
CA PHE A 339 12.86 7.33 3.43
C PHE A 339 13.38 5.93 3.14
N TRP A 340 13.31 5.04 4.13
CA TRP A 340 13.86 3.70 3.94
C TRP A 340 13.11 2.91 2.85
N TYR A 341 11.80 3.05 2.80
CA TYR A 341 10.99 2.39 1.78
C TYR A 341 11.48 2.80 0.39
N ALA A 342 11.61 4.10 0.19
CA ALA A 342 11.96 4.63 -1.13
C ALA A 342 13.36 4.21 -1.56
N VAL A 343 14.31 4.29 -0.63
CA VAL A 343 15.69 3.96 -0.92
C VAL A 343 15.87 2.45 -1.13
N ARG A 344 15.14 1.65 -0.36
CA ARG A 344 15.20 0.21 -0.52
C ARG A 344 14.87 -0.17 -1.97
N THR A 345 13.79 0.40 -2.47
CA THR A 345 13.34 0.17 -3.84
C THR A 345 14.42 0.55 -4.84
N ALA A 346 15.02 1.72 -4.66
CA ALA A 346 15.96 2.25 -5.64
C ALA A 346 17.23 1.40 -5.75
N VAL A 347 17.79 1.01 -4.62
CA VAL A 347 19.05 0.27 -4.63
C VAL A 347 18.83 -1.09 -5.27
N ILE A 348 17.73 -1.74 -4.92
CA ILE A 348 17.42 -3.03 -5.50
C ILE A 348 17.24 -2.92 -7.01
N ASN A 349 16.45 -1.96 -7.46
CA ASN A 349 16.20 -1.78 -8.89
C ASN A 349 17.44 -1.40 -9.69
N ALA A 350 18.29 -0.54 -9.12
CA ALA A 350 19.48 -0.12 -9.82
C ALA A 350 20.52 -1.24 -9.87
N ALA A 351 20.65 -1.98 -8.76
CA ALA A 351 21.64 -3.04 -8.68
C ALA A 351 21.30 -4.21 -9.61
N SER A 352 20.01 -4.44 -9.83
CA SER A 352 19.56 -5.57 -10.63
C SER A 352 19.58 -5.28 -12.12
N GLY A 353 19.77 -4.01 -12.47
CA GLY A 353 19.75 -3.60 -13.86
C GLY A 353 18.37 -3.21 -14.36
N ARG A 354 17.35 -3.40 -13.53
CA ARG A 354 15.98 -3.03 -13.89
C ARG A 354 15.86 -1.55 -14.28
N GLN A 355 16.52 -0.67 -13.55
CA GLN A 355 16.49 0.75 -13.85
C GLN A 355 17.89 1.31 -13.85
N THR A 356 18.10 2.43 -14.50
CA THR A 356 19.36 3.13 -14.38
C THR A 356 19.44 3.72 -12.98
N VAL A 357 20.65 4.04 -12.54
CA VAL A 357 20.84 4.68 -11.25
C VAL A 357 20.03 5.98 -11.24
N ASP A 358 20.16 6.75 -12.31
CA ASP A 358 19.48 8.04 -12.40
C ASP A 358 17.97 7.90 -12.26
N ALA A 359 17.38 6.95 -12.98
CA ALA A 359 15.94 6.75 -12.91
C ALA A 359 15.50 6.23 -11.54
N ALA A 360 16.27 5.30 -10.98
CA ALA A 360 15.91 4.69 -9.69
C ALA A 360 15.88 5.74 -8.58
N LEU A 361 16.92 6.58 -8.55
CA LEU A 361 17.07 7.59 -7.52
C LEU A 361 16.09 8.77 -7.72
N ALA A 362 15.82 9.11 -8.99
CA ALA A 362 14.85 10.15 -9.27
C ALA A 362 13.49 9.74 -8.69
N ALA A 363 13.14 8.47 -8.88
CA ALA A 363 11.87 7.97 -8.38
C ALA A 363 11.87 7.91 -6.85
N ALA A 364 13.01 7.53 -6.27
CA ALA A 364 13.13 7.50 -4.82
C ALA A 364 12.99 8.88 -4.20
N GLN A 365 13.57 9.89 -4.85
CA GLN A 365 13.41 11.25 -4.40
C GLN A 365 11.94 11.64 -4.36
N THR A 366 11.25 11.39 -5.47
CA THR A 366 9.84 11.76 -5.60
C THR A 366 8.96 11.02 -4.59
N ASN A 367 9.21 9.72 -4.45
CA ASN A 367 8.45 8.89 -3.54
C ASN A 367 8.66 9.22 -2.07
N ALA A 368 9.92 9.36 -1.66
CA ALA A 368 10.23 9.72 -0.29
C ALA A 368 9.58 11.07 0.09
N ALA A 369 9.73 12.06 -0.78
CA ALA A 369 9.13 13.37 -0.53
C ALA A 369 7.61 13.24 -0.44
N ALA A 370 7.00 12.58 -1.43
CA ALA A 370 5.55 12.46 -1.46
C ALA A 370 5.02 11.65 -0.28
N MET A 371 5.64 10.52 0.02
CA MET A 371 5.20 9.69 1.15
C MET A 371 5.38 10.39 2.49
N SER A 372 6.42 11.22 2.60
CA SER A 372 6.70 11.92 3.85
C SER A 372 5.68 13.03 4.12
N MET A 373 4.92 13.40 3.07
CA MET A 373 3.98 14.52 3.11
C MET A 373 2.52 14.06 3.07
N LEU A 374 2.28 12.75 3.10
CA LEU A 374 0.90 12.24 3.04
C LEU A 374 0.04 12.72 4.20
N PRO A 375 -1.17 13.22 3.88
CA PRO A 375 -2.12 13.62 4.92
C PRO A 375 -2.61 12.42 5.75
N SER A 376 -3.05 12.67 6.97
CA SER A 376 -3.42 11.59 7.88
C SER A 376 -4.83 11.05 7.64
N PHE A 377 -5.49 11.51 6.58
CA PHE A 377 -6.85 11.07 6.25
C PHE A 377 -7.02 9.55 6.15
N GLY A 378 -8.00 9.02 6.87
CA GLY A 378 -8.27 7.58 6.88
C GLY A 378 -9.43 7.15 6.00
N PHE A 379 -9.24 6.04 5.29
CA PHE A 379 -10.28 5.48 4.44
C PHE A 379 -10.95 4.34 5.17
N THR A 380 -12.23 4.11 4.89
CA THR A 380 -12.93 2.96 5.46
C THR A 380 -12.38 1.66 4.84
N GLN A 381 -12.71 0.51 5.44
CA GLN A 381 -12.22 -0.78 4.90
C GLN A 381 -12.72 -1.00 3.48
N GLU A 382 -13.98 -0.68 3.24
CA GLU A 382 -14.57 -0.81 1.91
C GLU A 382 -13.84 0.06 0.88
N GLN A 383 -13.50 1.27 1.28
CA GLN A 383 -12.77 2.18 0.41
C GLN A 383 -11.35 1.67 0.13
N VAL A 384 -10.70 1.13 1.16
CA VAL A 384 -9.36 0.55 1.01
C VAL A 384 -9.40 -0.63 0.05
N ALA A 385 -10.44 -1.45 0.17
CA ALA A 385 -10.61 -2.61 -0.71
C ALA A 385 -10.79 -2.17 -2.14
N CYS A 386 -11.58 -1.11 -2.34
CA CYS A 386 -11.81 -0.58 -3.67
C CYS A 386 -10.51 -0.10 -4.29
N VAL A 387 -9.73 0.68 -3.55
CA VAL A 387 -8.45 1.15 -4.04
C VAL A 387 -7.55 -0.01 -4.42
N CYS A 388 -7.49 -1.02 -3.54
CA CYS A 388 -6.64 -2.18 -3.79
C CYS A 388 -7.00 -2.85 -5.11
N GLU A 389 -8.29 -3.03 -5.36
CA GLU A 389 -8.73 -3.70 -6.57
C GLU A 389 -8.48 -2.86 -7.82
N VAL A 390 -8.70 -1.54 -7.71
CA VAL A 390 -8.43 -0.64 -8.84
C VAL A 390 -6.96 -0.60 -9.23
N LEU A 391 -6.08 -0.48 -8.24
CA LEU A 391 -4.65 -0.42 -8.53
C LEU A 391 -4.13 -1.73 -9.13
N GLN A 392 -4.64 -2.86 -8.66
CA GLN A 392 -4.30 -4.16 -9.27
C GLN A 392 -4.77 -4.25 -10.71
N GLN A 393 -6.04 -3.94 -10.94
CA GLN A 393 -6.60 -4.01 -12.28
C GLN A 393 -5.86 -3.07 -13.22
N GLY A 394 -5.42 -1.92 -12.70
CA GLY A 394 -4.66 -0.98 -13.49
C GLY A 394 -3.20 -1.36 -13.68
N GLY A 395 -2.75 -2.40 -12.99
CA GLY A 395 -1.35 -2.80 -13.06
C GLY A 395 -0.37 -1.83 -12.42
N ASN A 396 -0.89 -0.96 -11.55
CA ASN A 396 -0.08 0.04 -10.86
C ASN A 396 0.48 -0.53 -9.56
N LEU A 397 1.44 -1.43 -9.68
CA LEU A 397 1.87 -2.20 -8.53
C LEU A 397 2.78 -1.41 -7.61
N GLU A 398 3.51 -0.45 -8.15
CA GLU A 398 4.38 0.40 -7.34
C GLU A 398 3.51 1.32 -6.49
N ARG A 399 2.47 1.89 -7.11
CA ARG A 399 1.51 2.71 -6.36
C ARG A 399 0.86 1.88 -5.28
N LEU A 400 0.54 0.64 -5.63
CA LEU A 400 -0.17 -0.23 -4.71
C LEU A 400 0.69 -0.49 -3.48
N GLY A 401 1.99 -0.73 -3.69
CA GLY A 401 2.90 -0.92 -2.59
C GLY A 401 2.94 0.28 -1.65
N ARG A 402 3.02 1.49 -2.22
CA ARG A 402 3.06 2.70 -1.41
C ARG A 402 1.73 2.94 -0.68
N PHE A 403 0.63 2.60 -1.33
CA PHE A 403 -0.67 2.72 -0.67
C PHE A 403 -0.75 1.78 0.53
N LEU A 404 -0.32 0.53 0.35
CA LEU A 404 -0.32 -0.43 1.45
C LEU A 404 0.54 0.05 2.61
N TRP A 405 1.68 0.67 2.29
CA TRP A 405 2.58 1.26 3.28
C TRP A 405 1.88 2.33 4.11
N SER A 406 0.98 3.07 3.46
CA SER A 406 0.30 4.18 4.11
C SER A 406 -0.79 3.74 5.09
N LEU A 407 -1.23 2.51 5.01
CA LEU A 407 -2.35 2.06 5.84
C LEU A 407 -2.00 2.10 7.33
N PRO A 408 -2.87 2.70 8.16
CA PRO A 408 -2.51 2.89 9.56
C PRO A 408 -2.70 1.63 10.39
N ALA A 409 -2.29 1.70 11.66
CA ALA A 409 -2.70 0.77 12.73
C ALA A 409 -3.33 -0.55 12.31
N ASN A 416 -8.91 -7.23 5.83
CA ASN A 416 -9.81 -7.74 4.80
C ASN A 416 -9.11 -8.46 3.65
N GLU A 417 -9.89 -9.26 2.92
CA GLU A 417 -9.36 -10.12 1.88
C GLU A 417 -8.65 -9.32 0.80
N SER A 418 -9.27 -8.20 0.39
CA SER A 418 -8.72 -7.36 -0.67
C SER A 418 -7.30 -6.89 -0.33
N VAL A 419 -7.10 -6.53 0.92
CA VAL A 419 -5.79 -6.05 1.37
C VAL A 419 -4.77 -7.19 1.32
N LEU A 420 -5.18 -8.36 1.79
CA LEU A 420 -4.29 -9.53 1.82
C LEU A 420 -3.89 -9.94 0.42
N LYS A 421 -4.87 -9.97 -0.48
CA LYS A 421 -4.59 -10.25 -1.87
C LYS A 421 -3.60 -9.22 -2.45
N ALA A 422 -3.80 -7.95 -2.09
CA ALA A 422 -2.90 -6.88 -2.53
C ALA A 422 -1.50 -7.08 -1.99
N LYS A 423 -1.40 -7.44 -0.70
CA LYS A 423 -0.10 -7.68 -0.09
C LYS A 423 0.65 -8.85 -0.78
N ALA A 424 -0.10 -9.88 -1.15
CA ALA A 424 0.46 -11.04 -1.85
C ALA A 424 1.00 -10.64 -3.22
N VAL A 425 0.22 -9.88 -3.98
CA VAL A 425 0.64 -9.41 -5.30
C VAL A 425 1.91 -8.57 -5.19
N VAL A 426 1.96 -7.68 -4.21
CA VAL A 426 3.12 -6.84 -4.00
C VAL A 426 4.34 -7.67 -3.59
N ALA A 427 4.13 -8.62 -2.68
CA ALA A 427 5.20 -9.52 -2.25
C ALA A 427 5.79 -10.26 -3.43
N PHE A 428 4.91 -10.77 -4.29
CA PHE A 428 5.37 -11.45 -5.49
C PHE A 428 6.17 -10.49 -6.36
N HIS A 429 5.61 -9.30 -6.57
CA HIS A 429 6.25 -8.26 -7.38
C HIS A 429 7.67 -7.96 -6.91
N ARG A 430 7.87 -8.03 -5.60
CA ARG A 430 9.16 -7.71 -4.99
C ARG A 430 10.07 -8.92 -4.86
N GLY A 431 9.55 -10.10 -5.16
CA GLY A 431 10.32 -11.32 -4.99
C GLY A 431 10.45 -11.72 -3.55
N ASN A 432 9.60 -11.17 -2.68
CA ASN A 432 9.54 -11.59 -1.29
C ASN A 432 8.69 -12.86 -1.15
N PHE A 433 9.23 -13.97 -1.62
CA PHE A 433 8.46 -15.19 -1.74
C PHE A 433 8.08 -15.82 -0.41
N ARG A 434 8.94 -15.68 0.59
CA ARG A 434 8.63 -16.18 1.92
C ARG A 434 7.41 -15.47 2.51
N GLU A 435 7.38 -14.14 2.37
CA GLU A 435 6.25 -13.36 2.83
C GLU A 435 4.99 -13.70 2.02
N LEU A 436 5.15 -13.88 0.71
CA LEU A 436 4.05 -14.30 -0.15
C LEU A 436 3.41 -15.59 0.36
N TYR A 437 4.24 -16.61 0.60
CA TYR A 437 3.73 -17.92 1.02
C TYR A 437 3.04 -17.80 2.37
N LYS A 438 3.64 -17.03 3.27
CA LYS A 438 3.03 -16.76 4.57
C LYS A 438 1.63 -16.19 4.40
N ILE A 439 1.50 -15.19 3.53
CA ILE A 439 0.21 -14.58 3.27
C ILE A 439 -0.79 -15.58 2.69
N LEU A 440 -0.37 -16.32 1.67
CA LEU A 440 -1.25 -17.26 0.99
C LEU A 440 -1.71 -18.38 1.89
N GLU A 441 -0.86 -18.78 2.82
CA GLU A 441 -1.16 -19.92 3.67
C GLU A 441 -1.94 -19.54 4.94
N SER A 442 -1.90 -18.27 5.33
CA SER A 442 -2.37 -17.89 6.66
C SER A 442 -3.82 -17.43 6.70
N HIS A 443 -4.45 -17.35 5.55
CA HIS A 443 -5.82 -16.87 5.50
C HIS A 443 -6.59 -17.62 4.43
N GLN A 444 -7.86 -17.89 4.69
CA GLN A 444 -8.71 -18.52 3.70
C GLN A 444 -9.10 -17.46 2.69
N PHE A 445 -9.06 -17.81 1.41
CA PHE A 445 -9.46 -16.85 0.39
C PHE A 445 -10.72 -17.29 -0.33
N SER A 446 -11.41 -16.32 -0.93
CA SER A 446 -12.64 -16.61 -1.67
C SER A 446 -12.33 -17.25 -3.01
N PRO A 447 -13.09 -18.30 -3.36
CA PRO A 447 -12.99 -19.04 -4.61
C PRO A 447 -12.72 -18.17 -5.83
N HIS A 448 -13.32 -16.99 -5.91
CA HIS A 448 -13.10 -16.17 -7.09
C HIS A 448 -11.69 -15.55 -7.14
N ASN A 449 -11.00 -15.54 -6.00
CA ASN A 449 -9.61 -15.06 -5.95
C ASN A 449 -8.58 -16.18 -6.14
N HIS A 450 -9.05 -17.41 -6.17
CA HIS A 450 -8.15 -18.57 -6.27
C HIS A 450 -7.24 -18.61 -7.50
N PRO A 451 -7.79 -18.40 -8.71
CA PRO A 451 -6.94 -18.51 -9.90
C PRO A 451 -5.71 -17.61 -9.88
N LYS A 452 -5.88 -16.34 -9.51
CA LYS A 452 -4.77 -15.41 -9.47
C LYS A 452 -3.78 -15.78 -8.38
N LEU A 453 -4.30 -16.17 -7.22
CA LEU A 453 -3.44 -16.52 -6.10
C LEU A 453 -2.67 -17.81 -6.37
N GLN A 454 -3.34 -18.75 -7.04
CA GLN A 454 -2.68 -19.99 -7.46
C GLN A 454 -1.51 -19.72 -8.37
N GLN A 455 -1.68 -18.82 -9.33
CA GLN A 455 -0.60 -18.45 -10.23
C GLN A 455 0.61 -17.88 -9.49
N LEU A 456 0.35 -17.03 -8.50
CA LEU A 456 1.44 -16.46 -7.71
C LEU A 456 2.22 -17.56 -7.00
N TRP A 457 1.48 -18.50 -6.38
CA TRP A 457 2.11 -19.59 -5.69
C TRP A 457 2.98 -20.42 -6.64
N LEU A 458 2.45 -20.67 -7.84
CA LEU A 458 3.14 -21.53 -8.80
C LEU A 458 4.35 -20.85 -9.40
N LYS A 459 4.13 -19.64 -9.90
CA LYS A 459 5.20 -18.87 -10.52
C LYS A 459 6.37 -18.65 -9.57
N ALA A 460 6.08 -18.35 -8.32
CA ALA A 460 7.15 -18.09 -7.35
C ALA A 460 7.97 -19.35 -7.13
N HIS A 461 7.27 -20.47 -6.94
CA HIS A 461 7.96 -21.72 -6.71
C HIS A 461 8.81 -22.14 -7.92
N TYR A 462 8.35 -21.83 -9.14
CA TYR A 462 9.13 -22.08 -10.35
C TYR A 462 10.39 -21.22 -10.37
N VAL A 463 10.24 -19.95 -10.00
CA VAL A 463 11.37 -19.04 -9.97
C VAL A 463 12.43 -19.57 -9.01
N GLU A 464 12.00 -20.00 -7.84
CA GLU A 464 12.92 -20.50 -6.82
C GLU A 464 13.58 -21.80 -7.26
N ALA A 465 12.79 -22.69 -7.85
CA ALA A 465 13.32 -23.96 -8.34
C ALA A 465 14.34 -23.75 -9.48
N GLU A 466 14.00 -22.90 -10.43
CA GLU A 466 14.85 -22.66 -11.59
C GLU A 466 16.21 -22.08 -11.19
N LYS A 467 16.22 -21.23 -10.17
CA LYS A 467 17.47 -20.67 -9.69
C LYS A 467 18.35 -21.74 -9.03
N LEU A 468 17.73 -22.63 -8.25
CA LEU A 468 18.47 -23.73 -7.64
C LEU A 468 19.01 -24.69 -8.70
N ARG A 469 18.41 -24.65 -9.88
CA ARG A 469 18.78 -25.57 -10.95
C ARG A 469 19.86 -24.99 -11.87
N GLY A 470 19.97 -23.67 -11.88
CA GLY A 470 20.97 -23.01 -12.69
C GLY A 470 20.63 -23.06 -14.16
N ARG A 471 19.53 -23.73 -14.49
CA ARG A 471 19.10 -23.85 -15.87
C ARG A 471 17.57 -23.93 -15.97
N PRO A 472 17.02 -23.43 -17.09
CA PRO A 472 15.57 -23.37 -17.36
C PRO A 472 14.79 -24.62 -16.95
N LEU A 473 13.69 -24.36 -16.25
CA LEU A 473 12.74 -25.38 -15.86
C LEU A 473 11.97 -25.76 -17.12
N GLY A 474 11.93 -27.05 -17.42
CA GLY A 474 11.15 -27.53 -18.55
C GLY A 474 9.85 -28.09 -18.01
N ALA A 475 9.10 -28.76 -18.88
CA ALA A 475 7.79 -29.29 -18.52
C ALA A 475 7.86 -30.29 -17.36
N VAL A 476 8.80 -31.22 -17.41
CA VAL A 476 8.89 -32.21 -16.33
C VAL A 476 9.33 -31.56 -15.01
N GLY A 477 10.20 -30.56 -15.09
CA GLY A 477 10.67 -29.85 -13.92
C GLY A 477 9.50 -29.15 -13.24
N LYS A 478 8.66 -28.50 -14.03
CA LYS A 478 7.50 -27.81 -13.47
C LYS A 478 6.54 -28.81 -12.85
N TYR A 479 6.35 -29.93 -13.53
CA TYR A 479 5.53 -31.02 -13.01
C TYR A 479 6.03 -31.44 -11.63
N ARG A 480 7.34 -31.58 -11.47
CA ARG A 480 7.89 -32.00 -10.19
C ARG A 480 7.74 -30.94 -9.08
N VAL A 481 7.94 -29.68 -9.42
CA VAL A 481 7.73 -28.58 -8.47
C VAL A 481 6.29 -28.57 -7.95
N ARG A 482 5.35 -28.74 -8.86
CA ARG A 482 3.93 -28.81 -8.50
C ARG A 482 3.67 -29.93 -7.48
N ARG A 483 4.30 -31.08 -7.68
CA ARG A 483 4.13 -32.21 -6.78
C ARG A 483 4.75 -31.96 -5.42
N LYS A 484 5.88 -31.26 -5.43
CA LYS A 484 6.62 -31.04 -4.20
C LYS A 484 5.99 -29.94 -3.36
N PHE A 485 5.32 -28.98 -4.01
CA PHE A 485 4.70 -27.88 -3.29
C PHE A 485 3.26 -27.69 -3.76
N PRO A 486 2.34 -28.51 -3.25
CA PRO A 486 0.95 -28.46 -3.70
C PRO A 486 0.32 -27.13 -3.29
N LEU A 487 -0.70 -26.71 -4.02
CA LEU A 487 -1.46 -25.51 -3.65
C LEU A 487 -2.04 -25.70 -2.26
N PRO A 488 -1.80 -24.73 -1.36
CA PRO A 488 -2.43 -24.89 -0.04
C PRO A 488 -3.94 -24.78 -0.14
N ARG A 489 -4.63 -25.39 0.81
CA ARG A 489 -6.08 -25.47 0.78
C ARG A 489 -6.73 -24.11 0.99
N THR A 490 -5.92 -23.14 1.40
CA THR A 490 -6.39 -21.78 1.58
C THR A 490 -6.71 -21.12 0.24
N ILE A 491 -6.12 -21.62 -0.84
CA ILE A 491 -6.36 -21.03 -2.16
C ILE A 491 -6.74 -22.08 -3.21
N TRP A 492 -7.17 -23.26 -2.74
CA TRP A 492 -7.53 -24.32 -3.64
C TRP A 492 -8.51 -25.32 -3.03
N ASP A 493 -9.48 -25.74 -3.83
CA ASP A 493 -10.40 -26.81 -3.45
C ASP A 493 -9.71 -28.17 -3.55
N LYS A 504 -20.29 -29.92 -14.36
CA LYS A 504 -21.72 -29.62 -14.41
C LYS A 504 -22.51 -30.41 -13.37
N SER A 505 -22.15 -31.67 -13.18
CA SER A 505 -22.72 -32.47 -12.12
C SER A 505 -22.50 -31.75 -10.80
N ARG A 506 -21.32 -31.14 -10.67
CA ARG A 506 -20.98 -30.30 -9.53
C ARG A 506 -22.04 -29.24 -9.27
N GLY A 507 -22.54 -28.63 -10.34
CA GLY A 507 -23.57 -27.62 -10.23
C GLY A 507 -24.79 -28.10 -9.44
N VAL A 508 -25.26 -29.30 -9.77
CA VAL A 508 -26.41 -29.89 -9.08
C VAL A 508 -26.04 -30.21 -7.62
N LEU A 509 -24.83 -30.71 -7.44
CA LEU A 509 -24.33 -31.09 -6.12
C LEU A 509 -24.19 -29.88 -5.19
N ARG A 510 -23.56 -28.82 -5.68
CA ARG A 510 -23.33 -27.63 -4.87
C ARG A 510 -24.63 -26.99 -4.40
N GLU A 511 -25.58 -26.83 -5.33
CA GLU A 511 -26.87 -26.26 -4.97
C GLU A 511 -27.60 -27.12 -3.94
N TRP A 512 -27.44 -28.43 -4.05
CA TRP A 512 -28.11 -29.34 -3.13
C TRP A 512 -27.45 -29.26 -1.77
N TYR A 513 -26.12 -29.27 -1.76
CA TYR A 513 -25.33 -29.25 -0.54
C TYR A 513 -25.62 -28.04 0.35
N ALA A 514 -26.01 -26.93 -0.28
CA ALA A 514 -26.30 -25.71 0.46
C ALA A 514 -27.58 -25.85 1.26
N HIS A 515 -28.49 -26.68 0.77
CA HIS A 515 -29.73 -26.93 1.47
C HIS A 515 -29.54 -27.97 2.56
N ASN A 516 -28.73 -28.98 2.26
CA ASN A 516 -28.59 -30.12 3.14
C ASN A 516 -27.26 -30.81 2.84
N PRO A 517 -26.29 -30.64 3.74
CA PRO A 517 -25.00 -31.31 3.56
C PRO A 517 -25.02 -32.78 3.98
N TYR A 518 -26.15 -33.29 4.45
CA TYR A 518 -26.26 -34.69 4.83
C TYR A 518 -27.45 -35.41 4.18
N PRO A 519 -27.36 -35.72 2.89
CA PRO A 519 -28.44 -36.46 2.20
C PRO A 519 -28.62 -37.87 2.77
N SER A 520 -29.85 -38.35 2.75
CA SER A 520 -30.17 -39.70 3.17
C SER A 520 -29.76 -40.68 2.04
N PRO A 521 -29.85 -42.00 2.30
CA PRO A 521 -29.52 -42.94 1.22
C PRO A 521 -30.40 -42.73 0.00
N ARG A 522 -31.71 -42.53 0.19
CA ARG A 522 -32.57 -42.30 -0.96
C ARG A 522 -32.19 -41.02 -1.69
N GLU A 523 -31.89 -39.97 -0.94
CA GLU A 523 -31.52 -38.71 -1.56
C GLU A 523 -30.23 -38.84 -2.35
N LYS A 524 -29.30 -39.66 -1.86
CA LYS A 524 -28.09 -39.94 -2.60
C LYS A 524 -28.39 -40.66 -3.93
N ARG A 525 -29.36 -41.56 -3.91
CA ARG A 525 -29.72 -42.28 -5.14
C ARG A 525 -30.31 -41.31 -6.16
N GLU A 526 -31.14 -40.39 -5.69
CA GLU A 526 -31.75 -39.40 -6.57
C GLU A 526 -30.69 -38.49 -7.17
N LEU A 527 -29.72 -38.10 -6.35
CA LEU A 527 -28.60 -37.27 -6.80
C LEU A 527 -27.70 -38.00 -7.79
N ALA A 528 -27.48 -39.29 -7.56
CA ALA A 528 -26.66 -40.08 -8.47
C ALA A 528 -27.38 -40.15 -9.82
N GLU A 529 -28.70 -40.25 -9.79
CA GLU A 529 -29.50 -40.25 -11.01
C GLU A 529 -29.39 -38.92 -11.74
N ALA A 530 -29.46 -37.83 -10.99
CA ALA A 530 -29.48 -36.50 -11.59
C ALA A 530 -28.13 -36.03 -12.13
N THR A 531 -27.05 -36.58 -11.61
CA THR A 531 -25.71 -36.13 -11.97
C THR A 531 -24.98 -37.10 -12.90
N GLY A 532 -25.54 -38.30 -13.05
CA GLY A 532 -24.88 -39.34 -13.81
C GLY A 532 -23.71 -39.95 -13.05
N LEU A 533 -23.63 -39.66 -11.76
CA LEU A 533 -22.58 -40.25 -10.93
C LEU A 533 -23.12 -41.49 -10.21
N THR A 534 -22.23 -42.28 -9.60
CA THR A 534 -22.66 -43.37 -8.74
C THR A 534 -22.89 -42.86 -7.32
N THR A 535 -23.67 -43.60 -6.53
CA THR A 535 -23.92 -43.23 -5.14
C THR A 535 -22.60 -43.18 -4.37
N THR A 536 -21.64 -44.00 -4.78
CA THR A 536 -20.36 -44.00 -4.08
C THR A 536 -19.65 -42.68 -4.37
N GLN A 537 -19.77 -42.21 -5.60
CA GLN A 537 -19.18 -40.95 -6.00
C GLN A 537 -19.87 -39.78 -5.30
N VAL A 538 -21.20 -39.82 -5.25
CA VAL A 538 -21.97 -38.79 -4.53
C VAL A 538 -21.53 -38.72 -3.08
N SER A 539 -21.54 -39.87 -2.40
CA SER A 539 -21.09 -39.93 -1.01
C SER A 539 -19.69 -39.31 -0.81
N ASN A 540 -18.73 -39.74 -1.63
CA ASN A 540 -17.38 -39.23 -1.54
C ASN A 540 -17.31 -37.71 -1.72
N TRP A 541 -18.05 -37.20 -2.69
CA TRP A 541 -18.08 -35.77 -2.92
C TRP A 541 -18.58 -35.02 -1.69
N PHE A 542 -19.68 -35.50 -1.11
CA PHE A 542 -20.22 -34.87 0.07
C PHE A 542 -19.25 -34.92 1.25
N LYS A 543 -18.63 -36.07 1.47
CA LYS A 543 -17.68 -36.21 2.56
C LYS A 543 -16.53 -35.22 2.38
N ASN A 544 -15.97 -35.21 1.17
CA ASN A 544 -14.87 -34.30 0.85
C ASN A 544 -15.23 -32.84 1.04
N ARG A 545 -16.38 -32.45 0.51
CA ARG A 545 -16.90 -31.09 0.63
C ARG A 545 -17.13 -30.65 2.09
N ARG A 546 -17.55 -31.58 2.93
CA ARG A 546 -17.73 -31.29 4.35
C ARG A 546 -16.37 -31.13 5.04
N GLN A 547 -15.42 -32.00 4.68
CA GLN A 547 -14.07 -31.91 5.23
C GLN A 547 -13.42 -30.58 4.89
N ARG A 548 -13.57 -30.16 3.65
CA ARG A 548 -13.00 -28.91 3.16
C ARG A 548 -13.63 -27.69 3.81
N ASP A 549 -14.96 -27.66 3.87
CA ASP A 549 -15.64 -26.59 4.59
C ASP A 549 -15.13 -26.50 6.03
N ARG A 550 -14.94 -27.65 6.67
CA ARG A 550 -14.40 -27.68 8.03
C ARG A 550 -12.99 -27.11 8.12
N ALA A 551 -12.14 -27.47 7.15
CA ALA A 551 -10.77 -26.97 7.12
C ALA A 551 -10.79 -25.46 6.99
N ALA A 552 -11.72 -24.96 6.18
CA ALA A 552 -11.85 -23.52 5.96
C ALA A 552 -12.41 -22.76 7.16
N GLU A 553 -13.20 -23.42 8.01
CA GLU A 553 -13.70 -22.79 9.24
C GLU A 553 -12.51 -22.53 10.16
N ALA A 554 -11.67 -23.55 10.31
CA ALA A 554 -10.52 -23.50 11.20
C ALA A 554 -9.58 -22.32 10.94
N LYS A 555 -9.63 -21.78 9.71
CA LYS A 555 -8.91 -20.56 9.40
C LYS A 555 -9.71 -19.33 9.83
N GLU B 24 -8.39 3.96 -20.50
CA GLU B 24 -7.93 3.02 -19.48
C GLU B 24 -8.84 2.96 -18.24
N ARG B 25 -9.07 4.10 -17.57
CA ARG B 25 -9.98 4.16 -16.42
C ARG B 25 -11.33 4.76 -16.79
N VAL B 26 -12.38 3.98 -16.66
CA VAL B 26 -13.73 4.47 -16.94
C VAL B 26 -14.49 4.61 -15.64
N PHE B 27 -14.86 5.83 -15.29
CA PHE B 27 -15.63 6.10 -14.08
C PHE B 27 -17.12 6.15 -14.41
N VAL B 28 -17.86 5.20 -13.86
CA VAL B 28 -19.27 5.06 -14.22
C VAL B 28 -20.13 5.64 -13.10
N TRP B 29 -20.61 6.86 -13.31
CA TRP B 29 -21.27 7.62 -12.25
C TRP B 29 -22.77 7.45 -12.24
N ASP B 30 -23.33 7.53 -11.04
CA ASP B 30 -24.76 7.69 -10.90
C ASP B 30 -25.03 9.19 -10.73
N LEU B 31 -26.25 9.63 -11.02
CA LEU B 31 -26.54 11.05 -10.99
C LEU B 31 -27.14 11.49 -9.65
N ASP B 32 -28.36 11.04 -9.36
CA ASP B 32 -29.11 11.61 -8.22
C ASP B 32 -28.60 11.14 -6.85
N GLU B 33 -28.33 12.05 -5.91
CA GLU B 33 -27.73 11.69 -4.61
C GLU B 33 -26.30 11.12 -4.70
N THR B 34 -25.69 11.26 -5.87
CA THR B 34 -24.28 10.95 -6.01
C THR B 34 -23.57 12.24 -6.42
N ILE B 35 -23.80 12.68 -7.64
CA ILE B 35 -23.24 13.94 -8.13
C ILE B 35 -24.11 15.12 -7.68
N ILE B 36 -25.42 14.97 -7.75
CA ILE B 36 -26.32 16.08 -7.42
C ILE B 36 -27.28 15.71 -6.31
N ILE B 37 -27.74 16.75 -5.63
CA ILE B 37 -28.84 16.66 -4.70
C ILE B 37 -30.06 17.29 -5.37
N PHE B 38 -31.10 16.49 -5.56
CA PHE B 38 -32.31 16.98 -6.20
C PHE B 38 -33.53 16.25 -5.66
N HIS B 39 -33.67 14.98 -6.03
CA HIS B 39 -34.82 14.19 -5.61
C HIS B 39 -35.00 14.19 -4.09
N SER B 40 -33.90 14.15 -3.34
CA SER B 40 -34.02 14.12 -1.88
C SER B 40 -34.46 15.46 -1.29
N LEU B 41 -34.42 16.52 -2.10
CA LEU B 41 -34.99 17.80 -1.67
C LEU B 41 -36.52 17.73 -1.71
N LEU B 42 -37.05 17.00 -2.68
CA LEU B 42 -38.49 16.89 -2.87
C LEU B 42 -39.12 15.96 -1.83
N THR B 43 -38.38 14.95 -1.42
CA THR B 43 -38.91 13.92 -0.52
C THR B 43 -38.70 14.25 0.95
N GLY B 44 -37.87 15.25 1.23
CA GLY B 44 -37.56 15.62 2.60
C GLY B 44 -36.39 14.87 3.25
N THR B 45 -35.86 13.86 2.57
CA THR B 45 -34.83 13.04 3.21
C THR B 45 -33.47 13.72 3.31
N PHE B 46 -33.15 14.62 2.39
CA PHE B 46 -31.88 15.35 2.52
C PHE B 46 -31.94 16.20 3.79
N ALA B 47 -33.04 16.94 3.95
CA ALA B 47 -33.18 17.84 5.11
C ALA B 47 -33.07 17.08 6.42
N SER B 48 -33.75 15.94 6.51
CA SER B 48 -33.69 15.16 7.74
C SER B 48 -32.31 14.57 7.99
N ARG B 49 -31.71 13.99 6.94
CA ARG B 49 -30.39 13.36 7.07
C ARG B 49 -29.26 14.36 7.35
N TYR B 50 -29.42 15.60 6.92
CA TYR B 50 -28.36 16.59 7.11
C TYR B 50 -28.72 17.73 8.05
N GLY B 51 -29.85 17.58 8.74
CA GLY B 51 -30.24 18.53 9.79
C GLY B 51 -30.66 19.91 9.29
N LYS B 52 -31.24 19.96 8.09
CA LYS B 52 -31.53 21.24 7.47
C LYS B 52 -33.00 21.55 7.58
N ASP B 53 -33.34 22.82 7.34
CA ASP B 53 -34.74 23.23 7.35
C ASP B 53 -35.53 22.62 6.21
N THR B 54 -36.56 21.86 6.55
CA THR B 54 -37.36 21.14 5.58
C THR B 54 -38.04 22.08 4.59
N THR B 55 -38.49 23.22 5.09
CA THR B 55 -39.18 24.21 4.28
C THR B 55 -38.28 24.79 3.20
N THR B 56 -37.10 25.26 3.61
CA THR B 56 -36.10 25.74 2.67
C THR B 56 -35.80 24.67 1.62
N SER B 57 -35.64 23.43 2.08
CA SER B 57 -35.23 22.33 1.20
C SER B 57 -36.24 22.03 0.10
N VAL B 58 -37.51 21.85 0.48
CA VAL B 58 -38.52 21.51 -0.49
C VAL B 58 -38.74 22.66 -1.47
N ARG B 59 -38.59 23.89 -1.01
CA ARG B 59 -38.78 25.03 -1.87
C ARG B 59 -37.72 25.08 -2.95
N ILE B 60 -36.47 24.85 -2.57
CA ILE B 60 -35.40 24.81 -3.55
C ILE B 60 -35.64 23.67 -4.53
N GLY B 61 -36.06 22.51 -4.02
CA GLY B 61 -36.28 21.35 -4.87
C GLY B 61 -37.39 21.57 -5.89
N LEU B 62 -38.49 22.18 -5.45
CA LEU B 62 -39.61 22.46 -6.33
C LEU B 62 -39.22 23.44 -7.41
N MET B 63 -38.45 24.46 -7.04
CA MET B 63 -38.04 25.46 -8.02
C MET B 63 -37.11 24.86 -9.09
N MET B 64 -36.24 23.95 -8.67
CA MET B 64 -35.34 23.30 -9.61
C MET B 64 -36.12 22.34 -10.51
N GLU B 65 -37.08 21.63 -9.92
CA GLU B 65 -37.93 20.71 -10.68
C GLU B 65 -38.64 21.45 -11.82
N GLU B 66 -39.19 22.63 -11.52
CA GLU B 66 -39.83 23.45 -12.53
C GLU B 66 -38.85 23.86 -13.64
N MET B 67 -37.66 24.31 -13.27
CA MET B 67 -36.67 24.70 -14.28
C MET B 67 -36.29 23.53 -15.18
N ILE B 68 -36.23 22.33 -14.62
CA ILE B 68 -35.87 21.15 -15.39
C ILE B 68 -36.93 20.84 -16.45
N PHE B 69 -38.19 20.77 -16.03
CA PHE B 69 -39.29 20.48 -16.94
C PHE B 69 -39.46 21.61 -17.95
N ASN B 70 -39.27 22.83 -17.49
CA ASN B 70 -39.37 23.98 -18.39
C ASN B 70 -38.30 23.92 -19.48
N LEU B 71 -37.06 23.63 -19.10
CA LEU B 71 -36.00 23.53 -20.09
C LEU B 71 -36.31 22.39 -21.05
N ALA B 72 -36.68 21.23 -20.50
CA ALA B 72 -36.97 20.03 -21.29
C ALA B 72 -38.06 20.28 -22.33
N ASP B 73 -39.17 20.87 -21.89
CA ASP B 73 -40.30 21.17 -22.80
C ASP B 73 -39.97 22.24 -23.82
N THR B 74 -39.33 23.31 -23.36
CA THR B 74 -39.15 24.49 -24.19
C THR B 74 -38.06 24.29 -25.23
N HIS B 75 -37.03 23.55 -24.87
CA HIS B 75 -35.86 23.46 -25.74
C HIS B 75 -35.52 22.06 -26.25
N LEU B 76 -35.97 21.03 -25.55
CA LEU B 76 -35.52 19.68 -25.86
C LEU B 76 -36.63 18.77 -26.33
N PHE B 77 -37.73 19.36 -26.83
CA PHE B 77 -38.82 18.59 -27.41
C PHE B 77 -39.47 17.57 -26.46
N PHE B 78 -39.48 17.86 -25.17
CA PHE B 78 -39.94 16.83 -24.22
C PHE B 78 -41.41 16.44 -24.38
N ASN B 79 -42.25 17.37 -24.81
CA ASN B 79 -43.64 17.03 -25.14
C ASN B 79 -43.74 16.02 -26.26
N ASP B 80 -42.90 16.16 -27.28
CA ASP B 80 -42.82 15.19 -28.37
C ASP B 80 -42.25 13.86 -27.89
N LEU B 81 -41.19 13.92 -27.09
CA LEU B 81 -40.34 12.76 -26.85
C LEU B 81 -40.69 11.96 -25.59
N GLU B 82 -41.63 12.46 -24.81
CA GLU B 82 -41.93 11.90 -23.50
C GLU B 82 -42.21 10.39 -23.47
N ASP B 83 -42.97 9.89 -24.43
CA ASP B 83 -43.35 8.49 -24.46
C ASP B 83 -42.55 7.66 -25.49
N CYS B 84 -41.48 8.25 -26.01
CA CYS B 84 -40.65 7.55 -27.00
C CYS B 84 -39.19 7.91 -26.80
N ASP B 85 -38.79 8.02 -25.54
CA ASP B 85 -37.46 8.49 -25.19
C ASP B 85 -36.47 7.33 -25.35
N GLN B 86 -35.18 7.65 -25.33
CA GLN B 86 -34.15 6.68 -25.68
C GLN B 86 -33.22 6.35 -24.53
N ILE B 87 -32.43 5.31 -24.70
CA ILE B 87 -31.39 4.98 -23.74
C ILE B 87 -30.16 5.87 -23.95
N HIS B 88 -29.91 6.23 -25.21
CA HIS B 88 -28.70 6.96 -25.59
C HIS B 88 -29.03 7.79 -26.82
N VAL B 89 -28.44 8.98 -26.90
CA VAL B 89 -28.76 9.92 -27.96
C VAL B 89 -28.53 9.41 -29.40
N ASP B 90 -27.65 8.42 -29.59
CA ASP B 90 -27.41 7.90 -30.93
C ASP B 90 -28.18 6.63 -31.28
N ASP B 91 -29.26 6.34 -30.54
CA ASP B 91 -29.95 5.06 -30.70
C ASP B 91 -30.93 4.96 -31.88
N VAL B 92 -31.30 6.08 -32.48
CA VAL B 92 -32.42 6.05 -33.43
C VAL B 92 -31.96 5.72 -34.85
N SER B 93 -32.53 4.63 -35.37
CA SER B 93 -32.18 4.16 -36.70
C SER B 93 -33.18 4.72 -37.70
N SER B 94 -32.67 5.43 -38.70
CA SER B 94 -33.57 6.08 -39.66
C SER B 94 -32.80 6.40 -40.93
N ASP B 95 -33.50 6.96 -41.92
CA ASP B 95 -32.87 7.38 -43.16
C ASP B 95 -32.36 8.81 -43.08
N ASP B 96 -32.28 9.36 -41.86
CA ASP B 96 -31.72 10.69 -41.61
C ASP B 96 -30.49 10.93 -42.49
N ASN B 97 -30.57 11.94 -43.35
CA ASN B 97 -29.53 12.19 -44.34
C ASN B 97 -28.50 13.20 -43.85
N GLY B 98 -28.67 13.67 -42.62
CA GLY B 98 -27.77 14.65 -42.05
C GLY B 98 -28.07 16.09 -42.44
N GLN B 99 -29.22 16.30 -43.07
CA GLN B 99 -29.63 17.64 -43.50
C GLN B 99 -29.63 18.62 -42.34
N ASP B 100 -29.27 19.88 -42.64
CA ASP B 100 -29.25 20.93 -41.63
C ASP B 100 -30.64 21.15 -41.04
N LEU B 101 -30.71 21.25 -39.73
CA LEU B 101 -31.98 21.35 -39.04
C LEU B 101 -32.19 22.72 -38.41
N SER B 102 -31.31 23.67 -38.73
CA SER B 102 -31.37 24.99 -38.12
C SER B 102 -32.61 25.75 -38.56
N THR B 103 -33.17 25.38 -39.71
CA THR B 103 -34.39 26.01 -40.19
C THR B 103 -35.52 25.00 -40.32
N TYR B 104 -35.35 23.85 -39.67
CA TYR B 104 -36.37 22.81 -39.67
C TYR B 104 -37.48 23.21 -38.70
N ASN B 105 -38.73 23.08 -39.15
CA ASN B 105 -39.89 23.49 -38.37
C ASN B 105 -40.51 22.31 -37.65
N PHE B 106 -40.00 22.03 -36.45
CA PHE B 106 -40.44 20.85 -35.70
C PHE B 106 -41.92 20.90 -35.38
N SER B 107 -42.40 22.08 -35.00
CA SER B 107 -43.81 22.28 -34.69
C SER B 107 -44.76 21.90 -35.82
N ALA B 108 -44.27 21.96 -37.06
CA ALA B 108 -45.14 21.77 -38.21
C ALA B 108 -44.97 20.44 -38.98
N ASP B 109 -44.16 19.52 -38.45
CA ASP B 109 -43.81 18.31 -39.20
C ASP B 109 -44.70 17.10 -38.92
N GLY B 110 -45.69 17.29 -38.06
CA GLY B 110 -46.70 16.26 -37.83
C GLY B 110 -46.31 15.07 -36.97
N PHE B 111 -45.20 15.17 -36.24
CA PHE B 111 -44.72 14.07 -35.39
C PHE B 111 -45.68 13.79 -34.25
N GLY B 128 -44.24 4.15 -36.34
CA GLY B 128 -42.91 3.59 -36.41
C GLY B 128 -42.42 3.50 -37.85
N GLY B 129 -43.15 4.15 -38.75
CA GLY B 129 -42.81 4.12 -40.16
C GLY B 129 -41.56 4.91 -40.48
N VAL B 130 -41.18 4.91 -41.75
CA VAL B 130 -39.94 5.55 -42.20
C VAL B 130 -39.92 7.04 -41.87
N ASP B 131 -41.01 7.73 -42.20
CA ASP B 131 -41.12 9.16 -41.96
C ASP B 131 -41.05 9.48 -40.48
N TRP B 132 -41.81 8.71 -39.69
CA TRP B 132 -41.86 8.92 -38.24
C TRP B 132 -40.49 8.75 -37.58
N MET B 133 -39.79 7.67 -37.92
CA MET B 133 -38.46 7.41 -37.37
C MET B 133 -37.48 8.53 -37.73
N ARG B 134 -37.63 9.09 -38.92
CA ARG B 134 -36.73 10.15 -39.36
C ARG B 134 -36.97 11.42 -38.53
N LYS B 135 -38.23 11.65 -38.17
CA LYS B 135 -38.59 12.82 -37.38
C LYS B 135 -38.16 12.66 -35.93
N LEU B 136 -38.25 11.43 -35.42
CA LEU B 136 -37.67 11.08 -34.12
C LEU B 136 -36.16 11.33 -34.16
N ALA B 137 -35.49 10.78 -35.18
CA ALA B 137 -34.06 10.95 -35.30
C ALA B 137 -33.65 12.41 -35.39
N PHE B 138 -34.47 13.21 -36.08
CA PHE B 138 -34.17 14.63 -36.23
C PHE B 138 -34.13 15.31 -34.87
N ARG B 139 -35.07 14.96 -34.02
CA ARG B 139 -35.17 15.60 -32.72
C ARG B 139 -33.95 15.30 -31.86
N TYR B 140 -33.48 14.05 -31.88
CA TYR B 140 -32.31 13.69 -31.08
C TYR B 140 -31.01 14.29 -31.61
N ARG B 141 -30.91 14.38 -32.93
CA ARG B 141 -29.76 15.06 -33.52
C ARG B 141 -29.78 16.55 -33.11
N ARG B 142 -30.95 17.16 -33.19
CA ARG B 142 -31.10 18.56 -32.76
C ARG B 142 -30.82 18.74 -31.27
N VAL B 143 -31.31 17.81 -30.45
CA VAL B 143 -31.01 17.84 -29.02
C VAL B 143 -29.49 17.80 -28.81
N LYS B 144 -28.81 16.94 -29.56
CA LYS B 144 -27.34 16.87 -29.48
C LYS B 144 -26.68 18.21 -29.85
N GLU B 145 -27.15 18.85 -30.92
CA GLU B 145 -26.62 20.15 -31.31
C GLU B 145 -26.81 21.19 -30.21
N MET B 146 -28.02 21.24 -29.63
CA MET B 146 -28.32 22.20 -28.59
C MET B 146 -27.42 22.02 -27.37
N TYR B 147 -27.26 20.76 -26.95
CA TYR B 147 -26.45 20.39 -25.81
C TYR B 147 -25.02 20.86 -26.02
N ASN B 148 -24.48 20.54 -27.21
CA ASN B 148 -23.12 20.96 -27.53
C ASN B 148 -22.99 22.47 -27.62
N THR B 149 -24.02 23.14 -28.11
CA THR B 149 -23.96 24.59 -28.23
C THR B 149 -24.05 25.26 -26.87
N TYR B 150 -24.91 24.73 -26.00
CA TYR B 150 -25.22 25.43 -24.76
C TYR B 150 -24.67 24.83 -23.46
N LYS B 151 -23.89 23.76 -23.55
CA LYS B 151 -23.37 23.11 -22.35
C LYS B 151 -22.56 24.06 -21.47
N ASN B 152 -21.88 25.02 -22.07
CA ASN B 152 -21.13 26.00 -21.29
C ASN B 152 -21.81 27.36 -21.36
N ASN B 153 -23.07 27.37 -21.78
CA ASN B 153 -23.82 28.60 -21.88
C ASN B 153 -25.31 28.36 -21.61
N VAL B 154 -25.59 27.68 -20.49
CA VAL B 154 -26.96 27.36 -20.10
C VAL B 154 -27.77 28.65 -19.87
N GLY B 155 -27.11 29.68 -19.36
CA GLY B 155 -27.77 30.96 -19.13
C GLY B 155 -28.27 31.53 -20.44
N GLY B 156 -27.45 31.40 -21.48
CA GLY B 156 -27.83 31.83 -22.81
C GLY B 156 -29.01 31.05 -23.36
N LEU B 157 -29.02 29.74 -23.12
CA LEU B 157 -30.09 28.87 -23.58
C LEU B 157 -31.46 29.25 -23.01
N ILE B 158 -31.53 29.45 -21.70
CA ILE B 158 -32.81 29.70 -21.04
C ILE B 158 -33.18 31.18 -21.01
N GLY B 159 -32.18 32.04 -21.22
CA GLY B 159 -32.42 33.47 -21.34
C GLY B 159 -32.67 34.22 -20.05
N THR B 160 -32.80 35.53 -20.17
CA THR B 160 -33.15 36.42 -19.08
C THR B 160 -34.67 36.52 -19.07
N PRO B 161 -35.32 36.46 -17.89
CA PRO B 161 -34.80 36.48 -16.52
C PRO B 161 -34.57 35.10 -15.91
N LYS B 162 -34.84 34.01 -16.63
CA LYS B 162 -34.64 32.68 -16.09
C LYS B 162 -33.20 32.47 -15.61
N ARG B 163 -32.24 32.99 -16.38
CA ARG B 163 -30.83 32.90 -16.04
C ARG B 163 -30.56 33.42 -14.63
N GLU B 164 -31.15 34.56 -14.29
CA GLU B 164 -30.88 35.17 -12.99
C GLU B 164 -31.52 34.38 -11.86
N THR B 165 -32.74 33.91 -12.09
CA THR B 165 -33.42 33.05 -11.13
C THR B 165 -32.63 31.76 -10.91
N TRP B 166 -32.15 31.16 -11.99
CA TRP B 166 -31.35 29.95 -11.97
C TRP B 166 -30.06 30.11 -11.16
N LEU B 167 -29.31 31.17 -11.47
CA LEU B 167 -28.06 31.43 -10.75
C LEU B 167 -28.29 31.64 -9.24
N GLN B 168 -29.36 32.34 -8.90
CA GLN B 168 -29.69 32.56 -7.50
C GLN B 168 -30.03 31.24 -6.85
N LEU B 169 -30.84 30.44 -7.54
CA LEU B 169 -31.24 29.14 -7.03
C LEU B 169 -30.03 28.20 -6.86
N ARG B 170 -29.08 28.28 -7.77
CA ARG B 170 -27.89 27.44 -7.66
C ARG B 170 -27.04 27.86 -6.46
N ALA B 171 -27.06 29.15 -6.12
CA ALA B 171 -26.30 29.63 -4.96
C ALA B 171 -26.97 29.16 -3.66
N GLU B 172 -28.28 29.25 -3.58
CA GLU B 172 -29.00 28.76 -2.40
C GLU B 172 -28.82 27.25 -2.26
N LEU B 173 -28.75 26.53 -3.38
CA LEU B 173 -28.54 25.08 -3.35
C LEU B 173 -27.20 24.73 -2.69
N GLU B 174 -26.14 25.41 -3.10
CA GLU B 174 -24.83 25.16 -2.51
C GLU B 174 -24.83 25.40 -1.01
N ALA B 175 -25.51 26.47 -0.57
CA ALA B 175 -25.49 26.77 0.85
C ALA B 175 -26.27 25.71 1.62
N LEU B 176 -27.44 25.33 1.10
CA LEU B 176 -28.25 24.31 1.75
C LEU B 176 -27.55 22.95 1.85
N THR B 177 -26.76 22.60 0.83
CA THR B 177 -26.18 21.25 0.75
C THR B 177 -24.72 21.20 1.13
N ASP B 178 -24.22 22.28 1.72
CA ASP B 178 -22.82 22.36 2.13
C ASP B 178 -21.86 22.02 0.99
N LEU B 179 -22.15 22.57 -0.19
CA LEU B 179 -21.24 22.54 -1.34
C LEU B 179 -21.15 21.17 -2.01
N TRP B 180 -22.20 20.36 -1.90
CA TRP B 180 -22.20 19.02 -2.50
C TRP B 180 -21.78 19.05 -3.96
N LEU B 181 -22.51 19.82 -4.78
CA LEU B 181 -22.22 19.90 -6.20
C LEU B 181 -20.83 20.48 -6.43
N THR B 182 -20.46 21.46 -5.63
CA THR B 182 -19.11 22.02 -5.76
C THR B 182 -18.08 20.92 -5.60
N HIS B 183 -18.32 20.02 -4.64
CA HIS B 183 -17.38 18.92 -4.39
C HIS B 183 -17.40 17.85 -5.48
N SER B 184 -18.58 17.48 -5.96
CA SER B 184 -18.65 16.46 -7.00
C SER B 184 -18.02 16.98 -8.29
N LEU B 185 -18.27 18.25 -8.61
CA LEU B 185 -17.63 18.86 -9.78
C LEU B 185 -16.12 18.81 -9.67
N LYS B 186 -15.61 19.03 -8.46
CA LYS B 186 -14.16 18.97 -8.27
C LYS B 186 -13.66 17.56 -8.61
N ALA B 187 -14.34 16.53 -8.10
CA ALA B 187 -13.94 15.17 -8.43
C ALA B 187 -14.02 14.89 -9.95
N LEU B 188 -15.13 15.26 -10.57
CA LEU B 188 -15.33 15.04 -12.01
C LEU B 188 -14.26 15.73 -12.86
N ASN B 189 -13.97 16.99 -12.51
CA ASN B 189 -12.98 17.77 -13.25
C ASN B 189 -11.57 17.25 -13.05
N LEU B 190 -11.29 16.74 -11.86
CA LEU B 190 -10.02 16.11 -11.58
C LEU B 190 -9.84 14.91 -12.50
N ILE B 191 -10.85 14.04 -12.54
CA ILE B 191 -10.86 12.93 -13.47
C ILE B 191 -10.75 13.40 -14.92
N ASN B 192 -11.53 14.42 -15.27
CA ASN B 192 -11.53 14.97 -16.61
C ASN B 192 -10.13 15.41 -17.06
N SER B 193 -9.33 15.89 -16.11
CA SER B 193 -8.02 16.45 -16.43
C SER B 193 -6.94 15.40 -16.64
N ARG B 194 -7.26 14.13 -16.38
CA ARG B 194 -6.28 13.07 -16.48
C ARG B 194 -6.34 12.33 -17.80
N PRO B 195 -5.16 12.12 -18.42
CA PRO B 195 -4.96 11.55 -19.76
C PRO B 195 -5.85 10.35 -20.12
N ASN B 196 -5.75 9.25 -19.39
CA ASN B 196 -6.46 8.05 -19.80
C ASN B 196 -7.71 7.75 -18.97
N CYS B 197 -8.42 8.80 -18.57
CA CYS B 197 -9.63 8.63 -17.77
C CYS B 197 -10.84 9.17 -18.50
N VAL B 198 -11.99 8.54 -18.27
CA VAL B 198 -13.24 9.02 -18.85
C VAL B 198 -14.39 8.93 -17.83
N ASN B 199 -15.25 9.93 -17.86
CA ASN B 199 -16.47 9.95 -17.09
C ASN B 199 -17.68 9.55 -17.94
N VAL B 200 -18.43 8.55 -17.48
CA VAL B 200 -19.73 8.27 -18.07
C VAL B 200 -20.80 8.35 -16.99
N LEU B 201 -22.03 8.58 -17.44
CA LEU B 201 -23.15 8.74 -16.51
C LEU B 201 -24.26 7.75 -16.85
N VAL B 202 -24.69 6.99 -15.84
CA VAL B 202 -25.83 6.10 -15.97
C VAL B 202 -26.89 6.51 -14.95
N THR B 203 -28.03 6.96 -15.45
CA THR B 203 -29.09 7.51 -14.60
C THR B 203 -30.45 6.83 -14.85
N THR B 204 -31.26 6.75 -13.81
CA THR B 204 -32.64 6.23 -13.94
C THR B 204 -33.60 7.28 -14.50
N THR B 205 -33.16 8.53 -14.55
CA THR B 205 -33.97 9.59 -15.18
C THR B 205 -34.06 9.37 -16.69
N GLN B 206 -35.24 9.61 -17.27
CA GLN B 206 -35.38 9.53 -18.72
C GLN B 206 -34.38 10.45 -19.40
N LEU B 207 -33.89 10.06 -20.57
CA LEU B 207 -32.83 10.82 -21.25
C LEU B 207 -33.07 12.33 -21.34
N ILE B 208 -34.20 12.74 -21.90
CA ILE B 208 -34.43 14.16 -22.14
C ILE B 208 -34.42 14.98 -20.83
N PRO B 209 -35.23 14.60 -19.83
CA PRO B 209 -35.10 15.41 -18.60
C PRO B 209 -33.71 15.24 -17.93
N ALA B 210 -33.07 14.09 -18.11
CA ALA B 210 -31.72 13.92 -17.56
C ALA B 210 -30.76 14.93 -18.20
N LEU B 211 -30.90 15.16 -19.50
CA LEU B 211 -30.10 16.18 -20.15
C LEU B 211 -30.35 17.57 -19.56
N ALA B 212 -31.60 17.89 -19.29
CA ALA B 212 -31.94 19.19 -18.69
C ALA B 212 -31.31 19.35 -17.32
N LYS B 213 -31.39 18.29 -16.50
CA LYS B 213 -30.74 18.28 -15.19
C LYS B 213 -29.26 18.50 -15.32
N VAL B 214 -28.64 17.71 -16.21
CA VAL B 214 -27.20 17.80 -16.41
C VAL B 214 -26.82 19.22 -16.80
N LEU B 215 -27.61 19.82 -17.69
CA LEU B 215 -27.34 21.21 -18.06
C LEU B 215 -27.51 22.16 -16.87
N LEU B 216 -28.63 22.07 -16.17
CA LEU B 216 -28.94 23.03 -15.11
C LEU B 216 -28.01 22.88 -13.91
N TYR B 217 -27.38 21.71 -13.76
CA TYR B 217 -26.46 21.48 -12.65
C TYR B 217 -25.00 21.70 -13.04
N GLY B 218 -24.77 22.26 -14.23
CA GLY B 218 -23.42 22.62 -14.65
C GLY B 218 -22.54 21.42 -15.02
N LEU B 219 -23.17 20.32 -15.39
CA LEU B 219 -22.44 19.09 -15.68
C LEU B 219 -22.22 18.89 -17.18
N GLY B 220 -22.65 19.86 -17.98
CA GLY B 220 -22.58 19.72 -19.42
C GLY B 220 -21.18 19.66 -19.99
N SER B 221 -20.26 20.40 -19.37
CA SER B 221 -18.89 20.40 -19.85
C SER B 221 -18.09 19.18 -19.36
N VAL B 222 -18.53 18.53 -18.28
CA VAL B 222 -17.83 17.32 -17.88
C VAL B 222 -18.28 16.07 -18.62
N PHE B 223 -19.55 16.00 -19.00
CA PHE B 223 -20.11 14.84 -19.69
C PHE B 223 -20.45 15.14 -21.15
N PRO B 224 -19.68 14.56 -22.08
CA PRO B 224 -20.13 14.54 -23.48
C PRO B 224 -21.50 13.88 -23.54
N ILE B 225 -22.41 14.37 -24.38
CA ILE B 225 -23.74 13.76 -24.48
C ILE B 225 -23.67 12.27 -24.84
N GLU B 226 -22.63 11.88 -25.59
CA GLU B 226 -22.41 10.47 -25.94
C GLU B 226 -21.99 9.60 -24.75
N ASN B 227 -21.66 10.23 -23.64
CA ASN B 227 -21.28 9.49 -22.43
C ASN B 227 -22.41 9.35 -21.40
N ILE B 228 -23.64 9.66 -21.81
CA ILE B 228 -24.79 9.64 -20.92
C ILE B 228 -25.77 8.53 -21.31
N TYR B 229 -26.17 7.72 -20.34
CA TYR B 229 -27.07 6.61 -20.62
C TYR B 229 -28.25 6.64 -19.68
N SER B 230 -29.46 6.48 -20.21
CA SER B 230 -30.65 6.43 -19.37
C SER B 230 -31.12 4.99 -19.19
N ALA B 231 -31.16 4.53 -17.95
CA ALA B 231 -31.56 3.17 -17.62
C ALA B 231 -33.04 3.06 -17.31
N THR B 232 -33.81 4.08 -17.67
CA THR B 232 -35.21 4.17 -17.27
C THR B 232 -36.01 2.92 -17.65
N LYS B 233 -35.89 2.50 -18.90
CA LYS B 233 -36.65 1.35 -19.38
C LYS B 233 -35.87 0.05 -19.17
N THR B 234 -34.55 0.12 -19.29
CA THR B 234 -33.74 -1.09 -19.39
C THR B 234 -33.02 -1.56 -18.12
N GLY B 235 -32.84 -0.67 -17.15
CA GLY B 235 -32.08 -1.03 -15.97
C GLY B 235 -30.60 -0.78 -16.19
N LYS B 236 -29.87 -0.54 -15.10
CA LYS B 236 -28.49 -0.11 -15.21
C LYS B 236 -27.57 -1.18 -15.75
N GLU B 237 -27.85 -2.44 -15.40
CA GLU B 237 -27.02 -3.55 -15.82
C GLU B 237 -26.77 -3.53 -17.32
N SER B 238 -27.85 -3.34 -18.07
CA SER B 238 -27.79 -3.29 -19.51
C SER B 238 -26.93 -2.11 -19.97
N CYS B 239 -27.04 -0.99 -19.28
CA CYS B 239 -26.24 0.17 -19.64
C CYS B 239 -24.77 -0.09 -19.34
N PHE B 240 -24.47 -0.73 -18.20
CA PHE B 240 -23.10 -1.06 -17.87
C PHE B 240 -22.48 -1.95 -18.97
N GLU B 241 -23.27 -2.86 -19.50
CA GLU B 241 -22.80 -3.73 -20.58
C GLU B 241 -22.49 -2.95 -21.88
N ARG B 242 -23.35 -2.00 -22.25
CA ARG B 242 -23.05 -1.14 -23.40
C ARG B 242 -21.71 -0.43 -23.18
N ILE B 243 -21.49 0.03 -21.95
CA ILE B 243 -20.29 0.78 -21.61
C ILE B 243 -19.05 -0.10 -21.74
N MET B 244 -19.15 -1.34 -21.26
CA MET B 244 -18.02 -2.25 -21.34
C MET B 244 -17.71 -2.67 -22.78
N GLN B 245 -18.76 -2.80 -23.58
CA GLN B 245 -18.63 -3.13 -25.00
C GLN B 245 -17.90 -1.99 -25.70
N ARG B 246 -18.21 -0.77 -25.28
CA ARG B 246 -17.63 0.42 -25.91
C ARG B 246 -16.17 0.63 -25.56
N PHE B 247 -15.81 0.49 -24.29
CA PHE B 247 -14.45 0.84 -23.87
C PHE B 247 -13.50 -0.35 -23.84
N GLY B 248 -14.04 -1.55 -23.98
CA GLY B 248 -13.20 -2.73 -24.12
C GLY B 248 -12.89 -3.47 -22.83
N ARG B 249 -12.26 -4.62 -22.97
CA ARG B 249 -12.03 -5.52 -21.85
C ARG B 249 -10.70 -5.23 -21.15
N LYS B 250 -9.97 -4.22 -21.61
CA LYS B 250 -8.72 -3.85 -20.96
C LYS B 250 -8.88 -2.69 -19.97
N ALA B 251 -9.97 -1.95 -20.10
CA ALA B 251 -10.18 -0.78 -19.25
C ALA B 251 -10.51 -1.19 -17.83
N VAL B 252 -10.20 -0.31 -16.88
CA VAL B 252 -10.67 -0.51 -15.52
C VAL B 252 -11.94 0.30 -15.31
N TYR B 253 -13.03 -0.36 -14.92
CA TYR B 253 -14.29 0.31 -14.67
C TYR B 253 -14.52 0.51 -13.17
N VAL B 254 -14.73 1.78 -12.77
CA VAL B 254 -14.96 2.11 -11.38
C VAL B 254 -16.37 2.68 -11.27
N VAL B 255 -17.20 2.03 -10.47
CA VAL B 255 -18.60 2.39 -10.34
C VAL B 255 -18.80 3.22 -9.06
N ILE B 256 -19.46 4.36 -9.20
CA ILE B 256 -19.66 5.31 -8.12
C ILE B 256 -21.16 5.63 -8.02
N GLY B 257 -21.75 5.35 -6.86
CA GLY B 257 -23.17 5.59 -6.67
C GLY B 257 -23.62 5.34 -5.24
N ASP B 258 -24.79 5.85 -4.88
CA ASP B 258 -25.37 5.59 -3.56
C ASP B 258 -26.35 4.42 -3.56
N GLY B 259 -26.67 3.91 -4.75
CA GLY B 259 -27.77 2.97 -4.89
C GLY B 259 -27.37 1.52 -5.02
N VAL B 260 -28.29 0.63 -4.66
CA VAL B 260 -28.03 -0.79 -4.70
C VAL B 260 -27.97 -1.31 -6.13
N GLU B 261 -28.67 -0.65 -7.05
CA GLU B 261 -28.67 -1.15 -8.43
C GLU B 261 -27.29 -1.06 -9.08
N GLU B 262 -26.65 0.11 -8.98
CA GLU B 262 -25.30 0.23 -9.53
C GLU B 262 -24.33 -0.68 -8.77
N GLU B 263 -24.58 -0.88 -7.48
CA GLU B 263 -23.71 -1.76 -6.71
C GLU B 263 -23.79 -3.21 -7.18
N GLN B 264 -25.00 -3.69 -7.44
CA GLN B 264 -25.15 -5.05 -7.93
C GLN B 264 -24.59 -5.18 -9.34
N GLY B 265 -24.78 -4.16 -10.16
CA GLY B 265 -24.20 -4.14 -11.49
C GLY B 265 -22.69 -4.24 -11.44
N ALA B 266 -22.08 -3.51 -10.50
CA ALA B 266 -20.64 -3.54 -10.34
C ALA B 266 -20.14 -4.94 -9.97
N LYS B 267 -20.76 -5.52 -8.95
CA LYS B 267 -20.43 -6.86 -8.48
C LYS B 267 -20.49 -7.88 -9.61
N LYS B 268 -21.54 -7.78 -10.42
CA LYS B 268 -21.78 -8.74 -11.51
C LYS B 268 -20.64 -8.75 -12.52
N HIS B 269 -20.03 -7.59 -12.75
CA HIS B 269 -19.01 -7.47 -13.78
C HIS B 269 -17.64 -7.22 -13.19
N ASN B 270 -17.47 -7.57 -11.92
CA ASN B 270 -16.22 -7.36 -11.19
C ASN B 270 -15.62 -5.96 -11.34
N MET B 271 -16.49 -4.95 -11.32
CA MET B 271 -16.04 -3.57 -11.34
C MET B 271 -15.95 -3.08 -9.90
N PRO B 272 -14.79 -2.55 -9.49
CA PRO B 272 -14.69 -1.96 -8.15
C PRO B 272 -15.77 -0.91 -7.94
N PHE B 273 -16.31 -0.84 -6.73
CA PHE B 273 -17.44 0.04 -6.44
C PHE B 273 -17.08 0.95 -5.29
N TRP B 274 -17.35 2.25 -5.47
CA TRP B 274 -17.14 3.23 -4.40
C TRP B 274 -18.50 3.81 -4.03
N ARG B 275 -19.02 3.41 -2.87
CA ARG B 275 -20.33 3.85 -2.44
C ARG B 275 -20.33 5.30 -2.00
N ILE B 276 -21.32 6.05 -2.44
CA ILE B 276 -21.52 7.38 -1.90
C ILE B 276 -22.79 7.34 -1.05
N SER B 277 -22.67 6.92 0.21
CA SER B 277 -23.86 6.79 1.04
C SER B 277 -24.18 8.11 1.75
N CYS B 278 -23.19 8.99 1.80
CA CYS B 278 -23.33 10.28 2.44
C CYS B 278 -22.25 11.21 1.90
N HIS B 279 -22.37 12.50 2.20
CA HIS B 279 -21.43 13.53 1.74
C HIS B 279 -19.98 13.16 2.08
N ALA B 280 -19.77 12.58 3.25
CA ALA B 280 -18.42 12.23 3.68
C ALA B 280 -17.76 11.26 2.69
N ASP B 281 -18.55 10.33 2.13
CA ASP B 281 -18.02 9.36 1.14
C ASP B 281 -17.53 10.04 -0.12
N LEU B 282 -18.18 11.14 -0.47
CA LEU B 282 -17.75 11.95 -1.61
C LEU B 282 -16.43 12.67 -1.31
N GLU B 283 -16.30 13.21 -0.10
CA GLU B 283 -15.04 13.85 0.27
C GLU B 283 -13.90 12.82 0.27
N ALA B 284 -14.19 11.63 0.79
CA ALA B 284 -13.20 10.57 0.80
C ALA B 284 -12.79 10.20 -0.63
N LEU B 285 -13.76 10.19 -1.55
CA LEU B 285 -13.47 9.92 -2.96
C LEU B 285 -12.50 10.98 -3.48
N ARG B 286 -12.74 12.24 -3.13
CA ARG B 286 -11.88 13.33 -3.56
C ARG B 286 -10.46 13.13 -3.06
N HIS B 287 -10.33 12.68 -1.83
CA HIS B 287 -8.99 12.43 -1.29
C HIS B 287 -8.27 11.33 -2.07
N ALA B 288 -8.99 10.25 -2.38
CA ALA B 288 -8.39 9.13 -3.12
C ALA B 288 -7.97 9.54 -4.52
N LEU B 289 -8.81 10.35 -5.17
CA LEU B 289 -8.48 10.83 -6.50
C LEU B 289 -7.24 11.74 -6.48
N GLU B 290 -7.18 12.63 -5.48
CA GLU B 290 -6.05 13.56 -5.38
C GLU B 290 -4.72 12.83 -5.22
N LEU B 291 -4.74 11.73 -4.46
CA LEU B 291 -3.56 10.92 -4.22
C LEU B 291 -3.32 9.88 -5.31
N GLU B 292 -4.20 9.87 -6.32
CA GLU B 292 -4.10 8.94 -7.44
C GLU B 292 -4.23 7.48 -7.00
N TYR B 293 -4.93 7.25 -5.89
CA TYR B 293 -5.32 5.91 -5.51
C TYR B 293 -6.43 5.41 -6.43
N LEU B 294 -7.14 6.36 -7.05
CA LEU B 294 -8.10 6.05 -8.12
C LEU B 294 -7.80 6.96 -9.33
C1 GLC C . 20.45 -4.20 12.10
C2 GLC C . 20.24 -2.83 12.78
C3 GLC C . 19.07 -2.05 12.21
C4 GLC C . 19.07 -2.07 10.68
C5 GLC C . 19.06 -3.52 10.20
C6 GLC C . 19.10 -3.58 8.69
O1 GLC C . 19.60 -5.13 12.68
O2 GLC C . 19.97 -3.05 14.16
O3 GLC C . 19.15 -0.72 12.71
O4 GLC C . 17.92 -1.41 10.21
O5 GLC C . 20.19 -4.22 10.70
O6 GLC C . 18.79 -4.90 8.28
C1 GLC C . 18.09 -0.09 9.78
C2 GLC C . 16.99 0.80 10.37
C3 GLC C . 15.65 0.32 9.86
C4 GLC C . 15.67 0.38 8.34
C5 GLC C . 16.85 -0.43 7.79
C6 GLC C . 17.00 -0.22 6.29
O2 GLC C . 17.03 0.72 11.77
O3 GLC C . 14.57 1.08 10.37
O4 GLC C . 14.43 -0.06 7.81
O5 GLC C . 18.07 -0.03 8.39
O6 GLC C . 17.78 -1.26 5.73
MG MG D . -28.70 7.61 -6.96
#